data_1FYF
#
_entry.id   1FYF
#
_cell.length_a   86.950
_cell.length_b   109.520
_cell.length_c   115.370
_cell.angle_alpha   90.00
_cell.angle_beta   90.00
_cell.angle_gamma   90.00
#
_symmetry.space_group_name_H-M   'P 21 21 21'
#
loop_
_entity.id
_entity.type
_entity.pdbx_description
1 polymer 'THREONYL-TRNA SYNTHETASE'
2 non-polymer 'ZINC ION'
3 non-polymer "5'-O-(N-(L-SERYL)-SULFAMOYL)ADENOSINE"
4 water water
#
_entity_poly.entity_id   1
_entity_poly.type   'polypeptide(L)'
_entity_poly.pdbx_seq_one_letter_code
;RDHRKIGKQLDLYHMQEEAPGMVFWHNDGWTIFRELEVFVRSKLKEYQYQEVKGPFMMDRVLWEKTGHWDNYKDAMFTTS
SENREYCIKPMNCPGHVQIFNQGLKSYRDLPLRMAEFGSCHRNEPSGSLHGLMRVRGFTQDDAHIFCTEEQIRDEVNGCI
RLVYDMYSTFGFEKIVVKLSTRPEKRIGSDEMWDRAEADLAVALEENNIPFEYQLGEGAFYGPKIEFTLYDCLDRAWQCG
TVQLDFSLPSRLSASYVGEDNERKVPVMIHRAILGSMERFIGILTEEFAGFFPTWLAPVQVVIMNITDSQSEYVNELTQK
LSNAGIRVKADLRNEKIGFKIREHTLRRVPYMLVCGDKEVESGKVAVRTRRGKDLGSMDVNEVIEKLQQEIRSRSLKQLE
E
;
_entity_poly.pdbx_strand_id   A,B
#
# COMPACT_ATOMS: atom_id res chain seq x y z
N ARG A 1 3.15 -15.95 24.67
CA ARG A 1 3.96 -16.05 23.47
C ARG A 1 3.09 -16.09 22.22
N ASP A 2 1.86 -16.58 22.38
CA ASP A 2 0.94 -16.69 21.24
C ASP A 2 0.64 -15.35 20.58
N HIS A 3 0.83 -15.26 19.27
CA HIS A 3 0.60 -14.00 18.59
C HIS A 3 -0.85 -13.52 18.65
N ARG A 4 -1.79 -14.44 18.83
CA ARG A 4 -3.19 -14.03 18.90
C ARG A 4 -3.46 -13.30 20.21
N LYS A 5 -2.84 -13.76 21.29
CA LYS A 5 -3.02 -13.12 22.60
C LYS A 5 -2.30 -11.78 22.61
N ILE A 6 -1.09 -11.75 22.07
CA ILE A 6 -0.31 -10.52 22.01
C ILE A 6 -1.01 -9.50 21.09
N GLY A 7 -1.55 -9.99 19.97
CA GLY A 7 -2.24 -9.11 19.04
C GLY A 7 -3.42 -8.45 19.72
N LYS A 8 -4.09 -9.16 20.62
CA LYS A 8 -5.21 -8.59 21.34
C LYS A 8 -4.72 -7.55 22.35
N GLN A 9 -3.68 -7.91 23.10
CA GLN A 9 -3.12 -7.02 24.12
C GLN A 9 -2.61 -5.70 23.55
N LEU A 10 -2.03 -5.74 22.35
CA LEU A 10 -1.49 -4.55 21.72
C LEU A 10 -2.46 -3.91 20.70
N ASP A 11 -3.68 -4.44 20.63
CA ASP A 11 -4.71 -3.93 19.72
C ASP A 11 -4.22 -3.85 18.27
N LEU A 12 -3.61 -4.93 17.80
CA LEU A 12 -3.08 -4.95 16.44
C LEU A 12 -4.08 -5.29 15.37
N TYR A 13 -4.95 -6.25 15.65
CA TYR A 13 -5.93 -6.71 14.68
C TYR A 13 -6.99 -7.55 15.38
N HIS A 14 -8.02 -7.94 14.64
CA HIS A 14 -9.02 -8.83 15.20
C HIS A 14 -9.62 -9.60 14.03
N MET A 15 -10.29 -10.70 14.35
CA MET A 15 -10.95 -11.51 13.35
C MET A 15 -12.33 -11.82 13.90
N GLN A 16 -13.28 -12.09 13.00
CA GLN A 16 -14.61 -12.42 13.46
C GLN A 16 -15.28 -13.40 12.50
N GLU A 17 -16.35 -14.02 12.97
CA GLU A 17 -17.08 -15.03 12.20
C GLU A 17 -17.67 -14.61 10.86
N GLU A 18 -17.98 -13.33 10.66
CA GLU A 18 -18.51 -12.93 9.37
C GLU A 18 -17.47 -12.91 8.26
N ALA A 19 -16.20 -13.09 8.62
CA ALA A 19 -15.13 -13.10 7.63
C ALA A 19 -14.05 -14.08 8.06
N PRO A 20 -14.36 -15.38 8.05
CA PRO A 20 -13.39 -16.41 8.45
C PRO A 20 -12.05 -16.26 7.73
N GLY A 21 -10.96 -16.25 8.50
CA GLY A 21 -9.61 -16.13 7.94
C GLY A 21 -9.31 -14.82 7.23
N MET A 22 -10.06 -13.77 7.57
CA MET A 22 -9.89 -12.46 6.97
C MET A 22 -9.49 -11.52 8.09
N VAL A 23 -8.38 -10.82 7.92
CA VAL A 23 -7.90 -9.93 8.97
C VAL A 23 -8.41 -8.51 8.93
N PHE A 24 -8.77 -7.99 10.11
CA PHE A 24 -9.18 -6.60 10.26
C PHE A 24 -7.96 -6.00 10.93
N TRP A 25 -7.18 -5.23 10.17
CA TRP A 25 -5.97 -4.60 10.73
C TRP A 25 -6.31 -3.31 11.42
N HIS A 26 -6.04 -3.23 12.72
CA HIS A 26 -6.29 -2.01 13.47
C HIS A 26 -5.12 -1.05 13.19
N ASN A 27 -5.28 0.21 13.59
CA ASN A 27 -4.23 1.19 13.32
C ASN A 27 -2.84 0.70 13.68
N ASP A 28 -2.68 0.18 14.89
CA ASP A 28 -1.37 -0.26 15.31
C ASP A 28 -0.80 -1.45 14.53
N GLY A 29 -1.64 -2.43 14.20
CA GLY A 29 -1.14 -3.57 13.45
C GLY A 29 -0.82 -3.12 12.03
N TRP A 30 -1.64 -2.20 11.50
CA TRP A 30 -1.42 -1.71 10.14
C TRP A 30 -0.12 -0.90 10.10
N THR A 31 0.25 -0.29 11.22
CA THR A 31 1.51 0.46 11.26
C THR A 31 2.68 -0.50 11.06
N ILE A 32 2.62 -1.68 11.69
CA ILE A 32 3.68 -2.66 11.54
C ILE A 32 3.70 -3.13 10.09
N PHE A 33 2.52 -3.40 9.56
CA PHE A 33 2.39 -3.86 8.19
C PHE A 33 3.05 -2.86 7.22
N ARG A 34 2.74 -1.58 7.40
CA ARG A 34 3.29 -0.54 6.55
C ARG A 34 4.78 -0.39 6.68
N GLU A 35 5.32 -0.54 7.89
CA GLU A 35 6.77 -0.45 8.05
C GLU A 35 7.47 -1.58 7.33
N LEU A 36 6.84 -2.76 7.31
CA LEU A 36 7.42 -3.88 6.62
C LEU A 36 7.40 -3.61 5.12
N GLU A 37 6.34 -2.96 4.64
CA GLU A 37 6.27 -2.63 3.22
C GLU A 37 7.39 -1.66 2.88
N VAL A 38 7.61 -0.67 3.74
CA VAL A 38 8.69 0.30 3.48
C VAL A 38 10.03 -0.41 3.43
N PHE A 39 10.25 -1.33 4.36
CA PHE A 39 11.48 -2.11 4.42
C PHE A 39 11.65 -2.90 3.13
N VAL A 40 10.62 -3.65 2.74
CA VAL A 40 10.67 -4.42 1.50
C VAL A 40 10.97 -3.52 0.30
N ARG A 41 10.29 -2.38 0.23
CA ARG A 41 10.53 -1.46 -0.88
C ARG A 41 11.96 -0.97 -0.93
N SER A 42 12.58 -0.79 0.23
CA SER A 42 13.97 -0.35 0.22
C SER A 42 14.85 -1.44 -0.41
N LYS A 43 14.48 -2.71 -0.23
CA LYS A 43 15.25 -3.79 -0.83
C LYS A 43 14.91 -3.94 -2.33
N LEU A 44 13.66 -3.67 -2.69
CA LEU A 44 13.25 -3.76 -4.09
C LEU A 44 14.08 -2.74 -4.90
N LYS A 45 14.31 -1.58 -4.32
CA LYS A 45 15.09 -0.55 -4.99
C LYS A 45 16.55 -0.99 -5.11
N GLU A 46 17.09 -1.49 -4.00
CA GLU A 46 18.46 -1.95 -3.96
C GLU A 46 18.71 -3.12 -4.92
N TYR A 47 17.78 -4.07 -4.96
CA TYR A 47 17.92 -5.23 -5.83
C TYR A 47 17.36 -5.07 -7.23
N GLN A 48 16.98 -3.84 -7.58
CA GLN A 48 16.48 -3.50 -8.90
C GLN A 48 15.22 -4.20 -9.42
N TYR A 49 14.12 -3.99 -8.70
CA TYR A 49 12.82 -4.56 -9.08
C TYR A 49 11.86 -3.45 -9.45
N GLN A 50 10.92 -3.76 -10.33
CA GLN A 50 9.86 -2.84 -10.67
C GLN A 50 8.78 -3.22 -9.67
N GLU A 51 7.77 -2.36 -9.50
CA GLU A 51 6.65 -2.69 -8.62
C GLU A 51 5.38 -2.39 -9.40
N VAL A 52 4.48 -3.35 -9.44
CA VAL A 52 3.24 -3.23 -10.18
C VAL A 52 2.06 -3.62 -9.30
N LYS A 53 0.87 -3.61 -9.90
CA LYS A 53 -0.33 -4.03 -9.18
C LYS A 53 -1.29 -4.62 -10.21
N GLY A 54 -1.65 -5.89 -10.01
CA GLY A 54 -2.55 -6.55 -10.93
C GLY A 54 -3.98 -6.57 -10.41
N PRO A 55 -4.96 -6.89 -11.25
CA PRO A 55 -6.37 -6.93 -10.82
C PRO A 55 -6.70 -8.06 -9.85
N PHE A 56 -7.75 -7.86 -9.07
CA PHE A 56 -8.17 -8.86 -8.10
C PHE A 56 -8.77 -10.12 -8.69
N MET A 57 -9.35 -10.00 -9.87
CA MET A 57 -9.93 -11.17 -10.50
C MET A 57 -9.75 -11.14 -12.01
N MET A 58 -9.79 -12.33 -12.61
CA MET A 58 -9.65 -12.47 -14.05
C MET A 58 -10.53 -13.63 -14.47
N ASP A 59 -10.91 -13.61 -15.75
CA ASP A 59 -11.77 -14.64 -16.31
C ASP A 59 -11.25 -16.03 -16.07
N ARG A 60 -12.19 -16.92 -15.71
CA ARG A 60 -11.87 -18.31 -15.45
C ARG A 60 -11.05 -18.92 -16.59
N VAL A 61 -11.32 -18.51 -17.81
CA VAL A 61 -10.59 -19.05 -18.96
C VAL A 61 -9.08 -18.88 -18.83
N LEU A 62 -8.66 -17.76 -18.27
CA LEU A 62 -7.24 -17.52 -18.09
C LEU A 62 -6.68 -18.54 -17.10
N TRP A 63 -7.42 -18.77 -16.01
CA TRP A 63 -6.97 -19.72 -15.00
C TRP A 63 -7.00 -21.16 -15.52
N GLU A 64 -7.79 -21.41 -16.56
CA GLU A 64 -7.81 -22.76 -17.12
C GLU A 64 -6.53 -22.94 -17.91
N LYS A 65 -6.12 -21.90 -18.63
CA LYS A 65 -4.91 -21.96 -19.44
C LYS A 65 -3.61 -22.17 -18.68
N THR A 66 -3.51 -21.58 -17.48
CA THR A 66 -2.31 -21.71 -16.67
C THR A 66 -2.20 -23.05 -15.96
N GLY A 67 -3.32 -23.77 -15.85
CA GLY A 67 -3.33 -25.04 -15.14
C GLY A 67 -3.92 -24.89 -13.74
N HIS A 68 -4.17 -23.66 -13.32
CA HIS A 68 -4.74 -23.43 -11.99
C HIS A 68 -6.11 -24.07 -11.83
N TRP A 69 -6.93 -24.02 -12.86
CA TRP A 69 -8.26 -24.60 -12.74
C TRP A 69 -8.21 -26.10 -12.47
N ASP A 70 -7.42 -26.82 -13.26
CA ASP A 70 -7.34 -28.26 -13.07
C ASP A 70 -6.58 -28.68 -11.81
N ASN A 71 -5.58 -27.89 -11.44
CA ASN A 71 -4.75 -28.24 -10.29
C ASN A 71 -4.90 -27.40 -9.03
N TYR A 72 -5.75 -26.39 -9.05
CA TYR A 72 -5.88 -25.52 -7.88
C TYR A 72 -7.30 -25.01 -7.65
N LYS A 73 -8.24 -25.58 -8.41
CA LYS A 73 -9.65 -25.21 -8.35
C LYS A 73 -10.22 -25.12 -6.94
N ASP A 74 -9.91 -26.12 -6.12
CA ASP A 74 -10.41 -26.17 -4.76
C ASP A 74 -10.03 -24.98 -3.90
N ALA A 75 -8.87 -24.39 -4.16
CA ALA A 75 -8.41 -23.26 -3.36
C ALA A 75 -8.91 -21.92 -3.87
N MET A 76 -9.62 -21.91 -5.00
CA MET A 76 -10.05 -20.63 -5.57
C MET A 76 -11.50 -20.22 -5.33
N PHE A 77 -11.69 -18.93 -5.10
CA PHE A 77 -13.01 -18.34 -4.92
C PHE A 77 -13.43 -17.90 -6.32
N THR A 78 -14.71 -18.07 -6.65
CA THR A 78 -15.18 -17.63 -7.96
C THR A 78 -16.37 -16.71 -7.81
N THR A 79 -16.60 -15.89 -8.83
CA THR A 79 -17.73 -14.97 -8.84
C THR A 79 -18.09 -14.79 -10.30
N SER A 80 -19.14 -14.03 -10.58
CA SER A 80 -19.53 -13.86 -11.96
C SER A 80 -20.13 -12.49 -12.21
N SER A 81 -20.25 -12.17 -13.50
CA SER A 81 -20.84 -10.93 -13.94
C SER A 81 -21.19 -11.08 -15.41
N GLU A 82 -22.41 -10.73 -15.76
CA GLU A 82 -22.87 -10.78 -17.14
C GLU A 82 -22.54 -12.10 -17.84
N ASN A 83 -22.96 -13.20 -17.22
CA ASN A 83 -22.77 -14.54 -17.77
C ASN A 83 -21.32 -14.98 -17.93
N ARG A 84 -20.41 -14.30 -17.25
CA ARG A 84 -19.00 -14.65 -17.32
C ARG A 84 -18.50 -14.98 -15.92
N GLU A 85 -17.67 -16.02 -15.82
CA GLU A 85 -17.13 -16.45 -14.54
C GLU A 85 -15.70 -15.95 -14.32
N TYR A 86 -15.43 -15.50 -13.10
CA TYR A 86 -14.11 -14.98 -12.75
C TYR A 86 -13.58 -15.68 -11.50
N CYS A 87 -12.26 -15.73 -11.38
CA CYS A 87 -11.63 -16.32 -10.22
C CYS A 87 -10.92 -15.20 -9.49
N ILE A 88 -11.14 -15.09 -8.18
CA ILE A 88 -10.44 -14.08 -7.38
C ILE A 88 -9.02 -14.65 -7.36
N LYS A 89 -8.01 -13.85 -7.66
CA LYS A 89 -6.67 -14.41 -7.73
C LYS A 89 -6.08 -15.05 -6.47
N PRO A 90 -5.53 -16.27 -6.61
CA PRO A 90 -4.94 -16.96 -5.46
C PRO A 90 -3.43 -16.73 -5.55
N MET A 91 -2.99 -16.23 -6.70
CA MET A 91 -1.58 -15.95 -6.99
C MET A 91 -1.47 -14.74 -7.91
N ASN A 92 -0.32 -14.08 -7.89
CA ASN A 92 -0.07 -12.89 -8.70
C ASN A 92 0.63 -13.15 -10.04
N CYS A 93 1.15 -14.36 -10.23
CA CYS A 93 1.90 -14.67 -11.45
C CYS A 93 1.21 -14.42 -12.77
N PRO A 94 -0.02 -14.94 -12.95
CA PRO A 94 -0.69 -14.71 -14.23
C PRO A 94 -0.83 -13.23 -14.60
N GLY A 95 -1.16 -12.42 -13.60
CA GLY A 95 -1.30 -11.00 -13.85
C GLY A 95 0.02 -10.38 -14.26
N HIS A 96 1.12 -10.84 -13.66
CA HIS A 96 2.44 -10.33 -14.01
C HIS A 96 2.78 -10.70 -15.44
N VAL A 97 2.39 -11.89 -15.86
CA VAL A 97 2.68 -12.29 -17.23
C VAL A 97 1.85 -11.42 -18.18
N GLN A 98 0.62 -11.08 -17.79
CA GLN A 98 -0.21 -10.22 -18.63
C GLN A 98 0.47 -8.87 -18.83
N ILE A 99 1.09 -8.35 -17.77
CA ILE A 99 1.79 -7.08 -17.87
C ILE A 99 3.03 -7.23 -18.76
N PHE A 100 3.75 -8.33 -18.59
CA PHE A 100 4.94 -8.60 -19.39
C PHE A 100 4.59 -8.66 -20.88
N ASN A 101 3.42 -9.24 -21.19
CA ASN A 101 2.96 -9.39 -22.56
C ASN A 101 2.59 -8.09 -23.27
N GLN A 102 2.53 -6.98 -22.52
CA GLN A 102 2.21 -5.68 -23.10
C GLN A 102 3.47 -5.07 -23.70
N GLY A 103 3.53 -4.96 -25.01
CA GLY A 103 4.71 -4.38 -25.63
C GLY A 103 5.74 -5.45 -25.95
N LEU A 104 6.40 -5.28 -27.09
CA LEU A 104 7.44 -6.21 -27.55
C LEU A 104 8.62 -6.24 -26.59
N LYS A 105 9.05 -7.44 -26.23
CA LYS A 105 10.18 -7.58 -25.31
C LYS A 105 11.41 -8.10 -26.05
N SER A 106 12.57 -7.59 -25.67
CA SER A 106 13.84 -7.99 -26.25
C SER A 106 14.72 -8.57 -25.16
N TYR A 107 15.76 -9.30 -25.57
CA TYR A 107 16.67 -9.89 -24.61
C TYR A 107 17.33 -8.79 -23.77
N ARG A 108 17.32 -7.56 -24.27
CA ARG A 108 17.92 -6.46 -23.52
C ARG A 108 17.06 -6.07 -22.32
N ASP A 109 15.82 -6.51 -22.32
CA ASP A 109 14.88 -6.20 -21.23
C ASP A 109 15.01 -7.21 -20.08
N LEU A 110 15.75 -8.28 -20.29
CA LEU A 110 15.91 -9.33 -19.27
C LEU A 110 17.27 -9.28 -18.59
N PRO A 111 17.33 -9.65 -17.29
CA PRO A 111 16.17 -10.09 -16.49
C PRO A 111 15.24 -8.94 -16.12
N LEU A 112 13.94 -9.22 -16.12
CA LEU A 112 12.95 -8.22 -15.77
C LEU A 112 12.36 -8.71 -14.45
N ARG A 113 12.64 -7.99 -13.37
CA ARG A 113 12.17 -8.37 -12.04
C ARG A 113 10.93 -7.55 -11.67
N MET A 114 9.80 -8.23 -11.56
CA MET A 114 8.52 -7.56 -11.32
C MET A 114 7.92 -7.91 -9.96
N ALA A 115 7.89 -6.95 -9.05
CA ALA A 115 7.36 -7.20 -7.70
C ALA A 115 5.97 -6.60 -7.47
N GLU A 116 5.26 -7.15 -6.50
CA GLU A 116 3.94 -6.66 -6.14
C GLU A 116 3.61 -7.10 -4.72
N PHE A 117 2.94 -6.24 -3.97
CA PHE A 117 2.46 -6.62 -2.65
C PHE A 117 1.09 -7.08 -3.10
N GLY A 118 1.01 -8.36 -3.48
CA GLY A 118 -0.22 -8.91 -4.01
C GLY A 118 -1.20 -9.55 -3.07
N SER A 119 -2.43 -9.02 -3.07
CA SER A 119 -3.50 -9.53 -2.22
C SER A 119 -4.04 -10.82 -2.82
N CYS A 120 -3.81 -11.93 -2.12
CA CYS A 120 -4.25 -13.24 -2.58
C CYS A 120 -5.38 -13.78 -1.71
N HIS A 121 -6.25 -14.58 -2.32
CA HIS A 121 -7.33 -15.20 -1.58
C HIS A 121 -7.37 -16.66 -1.93
N ARG A 122 -7.40 -17.49 -0.90
CA ARG A 122 -7.45 -18.93 -1.09
C ARG A 122 -8.47 -19.48 -0.12
N ASN A 123 -9.32 -20.36 -0.64
CA ASN A 123 -10.37 -20.96 0.16
C ASN A 123 -9.84 -22.10 1.02
N GLU A 124 -9.04 -21.74 2.02
CA GLU A 124 -8.47 -22.71 2.94
C GLU A 124 -9.58 -23.30 3.81
N PRO A 125 -9.53 -24.62 4.08
CA PRO A 125 -10.57 -25.24 4.92
C PRO A 125 -10.62 -24.49 6.26
N SER A 126 -11.82 -24.15 6.69
CA SER A 126 -11.97 -23.40 7.94
C SER A 126 -11.27 -24.08 9.12
N GLY A 127 -11.27 -25.41 9.12
CA GLY A 127 -10.62 -26.14 10.21
C GLY A 127 -9.12 -25.95 10.30
N SER A 128 -8.50 -25.52 9.21
CA SER A 128 -7.06 -25.31 9.17
C SER A 128 -6.64 -23.87 9.47
N LEU A 129 -7.60 -22.96 9.56
CA LEU A 129 -7.27 -21.57 9.82
C LEU A 129 -6.62 -21.40 11.20
N HIS A 130 -5.62 -20.53 11.28
CA HIS A 130 -4.92 -20.31 12.54
C HIS A 130 -4.34 -18.90 12.62
N GLY A 131 -4.97 -18.07 13.44
CA GLY A 131 -4.55 -16.68 13.63
C GLY A 131 -4.12 -15.98 12.36
N LEU A 132 -2.93 -15.39 12.39
CA LEU A 132 -2.37 -14.70 11.24
C LEU A 132 -1.54 -15.64 10.39
N MET A 133 -1.24 -16.83 10.92
CA MET A 133 -0.40 -17.81 10.23
C MET A 133 -1.04 -18.46 9.02
N ARG A 134 -2.30 -18.84 9.13
CA ARG A 134 -2.97 -19.41 7.96
C ARG A 134 -4.30 -18.72 7.85
N VAL A 135 -4.41 -17.87 6.84
CA VAL A 135 -5.62 -17.09 6.60
C VAL A 135 -6.14 -17.34 5.19
N ARG A 136 -7.29 -16.75 4.89
CA ARG A 136 -7.88 -16.91 3.56
C ARG A 136 -7.53 -15.73 2.67
N GLY A 137 -7.24 -14.60 3.29
CA GLY A 137 -6.87 -13.42 2.53
C GLY A 137 -5.53 -12.93 3.07
N PHE A 138 -4.54 -12.81 2.20
CA PHE A 138 -3.23 -12.36 2.67
C PHE A 138 -2.52 -11.58 1.57
N THR A 139 -1.46 -10.89 1.97
CA THR A 139 -0.67 -10.11 1.03
C THR A 139 0.72 -10.73 0.92
N GLN A 140 1.13 -11.10 -0.30
CA GLN A 140 2.46 -11.67 -0.49
C GLN A 140 3.42 -10.58 -0.93
N ASP A 141 4.68 -10.63 -0.48
CA ASP A 141 5.70 -9.68 -0.94
C ASP A 141 6.29 -10.51 -2.09
N ASP A 142 5.48 -10.60 -3.12
CA ASP A 142 5.73 -11.41 -4.31
C ASP A 142 6.53 -10.73 -5.40
N ALA A 143 7.07 -11.55 -6.31
CA ALA A 143 7.80 -11.03 -7.46
C ALA A 143 8.03 -12.18 -8.42
N HIS A 144 8.09 -11.85 -9.71
CA HIS A 144 8.38 -12.84 -10.73
C HIS A 144 9.46 -12.23 -11.58
N ILE A 145 10.50 -13.02 -11.82
CA ILE A 145 11.62 -12.57 -12.60
C ILE A 145 11.60 -13.31 -13.92
N PHE A 146 11.56 -12.55 -15.02
CA PHE A 146 11.55 -13.12 -16.36
C PHE A 146 13.00 -13.08 -16.82
N CYS A 147 13.55 -14.22 -17.22
CA CYS A 147 14.95 -14.26 -17.62
C CYS A 147 15.26 -15.36 -18.63
N THR A 148 16.51 -15.39 -19.09
CA THR A 148 16.94 -16.41 -20.04
C THR A 148 17.45 -17.59 -19.22
N GLU A 149 17.51 -18.77 -19.82
CA GLU A 149 18.00 -19.93 -19.09
C GLU A 149 19.41 -19.68 -18.56
N GLU A 150 20.20 -18.91 -19.32
CA GLU A 150 21.56 -18.59 -18.92
C GLU A 150 21.63 -17.69 -17.67
N GLN A 151 20.56 -16.95 -17.42
CA GLN A 151 20.50 -16.05 -16.29
C GLN A 151 19.91 -16.68 -15.04
N ILE A 152 19.42 -17.91 -15.16
CA ILE A 152 18.82 -18.62 -14.02
C ILE A 152 19.75 -18.66 -12.80
N ARG A 153 20.97 -19.13 -12.99
CA ARG A 153 21.91 -19.23 -11.87
C ARG A 153 22.02 -17.93 -11.07
N ASP A 154 22.31 -16.83 -11.76
CA ASP A 154 22.47 -15.55 -11.08
C ASP A 154 21.21 -15.01 -10.45
N GLU A 155 20.06 -15.21 -11.11
CA GLU A 155 18.81 -14.71 -10.55
C GLU A 155 18.38 -15.51 -9.32
N VAL A 156 18.54 -16.83 -9.38
CA VAL A 156 18.18 -17.64 -8.22
C VAL A 156 19.13 -17.27 -7.07
N ASN A 157 20.42 -17.15 -7.37
CA ASN A 157 21.38 -16.77 -6.34
C ASN A 157 21.00 -15.44 -5.71
N GLY A 158 20.55 -14.50 -6.54
CA GLY A 158 20.15 -13.19 -6.04
C GLY A 158 18.98 -13.28 -5.08
N CYS A 159 18.04 -14.16 -5.37
CA CYS A 159 16.87 -14.35 -4.51
C CYS A 159 17.29 -14.96 -3.18
N ILE A 160 18.20 -15.93 -3.24
CA ILE A 160 18.67 -16.57 -2.02
C ILE A 160 19.40 -15.55 -1.16
N ARG A 161 20.24 -14.71 -1.78
CA ARG A 161 20.95 -13.70 -1.02
C ARG A 161 19.97 -12.71 -0.40
N LEU A 162 18.91 -12.40 -1.15
CA LEU A 162 17.90 -11.47 -0.65
C LEU A 162 17.21 -12.00 0.60
N VAL A 163 16.94 -13.31 0.62
CA VAL A 163 16.28 -13.91 1.77
C VAL A 163 17.10 -13.76 3.04
N TYR A 164 18.38 -14.15 2.99
CA TYR A 164 19.18 -14.05 4.19
C TYR A 164 19.46 -12.61 4.59
N ASP A 165 19.54 -11.75 3.59
CA ASP A 165 19.76 -10.33 3.80
C ASP A 165 18.60 -9.77 4.62
N MET A 166 17.38 -9.93 4.12
CA MET A 166 16.24 -9.43 4.84
C MET A 166 16.02 -10.11 6.18
N TYR A 167 16.18 -11.42 6.25
CA TYR A 167 15.98 -12.12 7.51
C TYR A 167 16.98 -11.69 8.59
N SER A 168 18.19 -11.33 8.18
CA SER A 168 19.21 -10.92 9.15
C SER A 168 18.78 -9.66 9.92
N THR A 169 17.91 -8.85 9.32
CA THR A 169 17.45 -7.64 9.97
C THR A 169 16.64 -7.99 11.23
N PHE A 170 15.99 -9.14 11.19
CA PHE A 170 15.14 -9.59 12.30
C PHE A 170 15.87 -10.49 13.28
N GLY A 171 17.12 -10.85 12.95
CA GLY A 171 17.93 -11.68 13.81
C GLY A 171 17.54 -13.14 13.96
N PHE A 172 16.84 -13.70 12.98
CA PHE A 172 16.42 -15.10 13.08
C PHE A 172 17.62 -16.04 13.15
N GLU A 173 17.63 -16.89 14.16
CA GLU A 173 18.71 -17.85 14.34
C GLU A 173 18.34 -19.23 13.81
N LYS A 174 17.07 -19.41 13.46
CA LYS A 174 16.60 -20.68 12.94
C LYS A 174 15.85 -20.52 11.63
N ILE A 175 16.55 -20.79 10.53
CA ILE A 175 16.00 -20.72 9.18
C ILE A 175 16.27 -22.09 8.58
N VAL A 176 15.21 -22.86 8.35
CA VAL A 176 15.36 -24.21 7.82
C VAL A 176 15.05 -24.20 6.34
N VAL A 177 15.88 -24.86 5.54
CA VAL A 177 15.69 -24.88 4.10
C VAL A 177 15.35 -26.25 3.54
N LYS A 178 14.37 -26.28 2.64
CA LYS A 178 13.98 -27.53 2.00
C LYS A 178 13.79 -27.32 0.50
N LEU A 179 13.98 -28.38 -0.27
CA LEU A 179 13.77 -28.31 -1.71
C LEU A 179 12.55 -29.19 -1.98
N SER A 180 11.41 -28.57 -2.29
CA SER A 180 10.17 -29.29 -2.55
C SER A 180 10.06 -29.74 -4.00
N THR A 181 10.07 -31.06 -4.19
CA THR A 181 10.03 -31.67 -5.51
C THR A 181 8.66 -31.88 -6.13
N ARG A 182 8.64 -32.33 -7.38
CA ARG A 182 7.40 -32.52 -8.15
C ARG A 182 6.24 -33.18 -7.42
N PRO A 183 5.06 -32.52 -7.44
CA PRO A 183 3.87 -33.05 -6.79
C PRO A 183 3.19 -34.05 -7.71
N GLU A 184 2.26 -34.81 -7.16
CA GLU A 184 1.53 -35.80 -7.93
C GLU A 184 0.78 -35.19 -9.10
N LYS A 185 0.16 -34.04 -8.86
CA LYS A 185 -0.57 -33.33 -9.90
C LYS A 185 0.28 -32.18 -10.36
N ARG A 186 0.75 -32.27 -11.61
CA ARG A 186 1.63 -31.25 -12.14
C ARG A 186 1.55 -31.11 -13.65
N ILE A 187 2.07 -30.00 -14.15
CA ILE A 187 2.12 -29.73 -15.58
C ILE A 187 3.58 -29.76 -15.96
N GLY A 188 3.89 -29.97 -17.24
CA GLY A 188 5.28 -30.01 -17.67
C GLY A 188 5.84 -31.42 -17.74
N SER A 189 6.92 -31.58 -18.50
CA SER A 189 7.53 -32.90 -18.70
C SER A 189 8.49 -33.30 -17.59
N ASP A 190 8.80 -34.60 -17.54
CA ASP A 190 9.72 -35.13 -16.55
C ASP A 190 11.07 -34.45 -16.76
N GLU A 191 11.44 -34.25 -18.03
CA GLU A 191 12.70 -33.60 -18.38
C GLU A 191 12.76 -32.19 -17.80
N MET A 192 11.67 -31.45 -17.94
CA MET A 192 11.60 -30.09 -17.41
C MET A 192 11.75 -30.08 -15.90
N TRP A 193 11.08 -31.02 -15.25
CA TRP A 193 11.15 -31.12 -13.80
C TRP A 193 12.53 -31.54 -13.29
N ASP A 194 13.18 -32.46 -14.00
CA ASP A 194 14.51 -32.89 -13.57
C ASP A 194 15.45 -31.69 -13.65
N ARG A 195 15.33 -30.93 -14.73
CA ARG A 195 16.17 -29.77 -14.93
C ARG A 195 15.94 -28.66 -13.90
N ALA A 196 14.68 -28.35 -13.62
CA ALA A 196 14.35 -27.30 -12.65
C ALA A 196 14.78 -27.69 -11.25
N GLU A 197 14.51 -28.94 -10.88
CA GLU A 197 14.87 -29.42 -9.56
C GLU A 197 16.37 -29.40 -9.38
N ALA A 198 17.09 -29.78 -10.42
CA ALA A 198 18.54 -29.79 -10.36
C ALA A 198 19.08 -28.37 -10.26
N ASP A 199 18.50 -27.45 -11.01
CA ASP A 199 18.96 -26.06 -10.97
C ASP A 199 18.85 -25.48 -9.56
N LEU A 200 17.77 -25.79 -8.86
CA LEU A 200 17.60 -25.26 -7.52
C LEU A 200 18.56 -25.89 -6.52
N ALA A 201 18.79 -27.19 -6.68
CA ALA A 201 19.70 -27.90 -5.79
C ALA A 201 21.11 -27.35 -5.94
N VAL A 202 21.54 -27.11 -7.19
CA VAL A 202 22.85 -26.57 -7.46
C VAL A 202 22.99 -25.16 -6.87
N ALA A 203 21.93 -24.35 -6.99
CA ALA A 203 21.97 -23.00 -6.44
C ALA A 203 22.19 -23.05 -4.93
N LEU A 204 21.51 -23.98 -4.25
CA LEU A 204 21.66 -24.12 -2.80
C LEU A 204 23.10 -24.51 -2.45
N GLU A 205 23.67 -25.45 -3.19
CA GLU A 205 25.05 -25.89 -2.94
C GLU A 205 26.03 -24.76 -3.17
N GLU A 206 25.82 -24.02 -4.26
CA GLU A 206 26.67 -22.90 -4.63
C GLU A 206 26.73 -21.88 -3.49
N ASN A 207 25.64 -21.76 -2.74
CA ASN A 207 25.58 -20.83 -1.63
C ASN A 207 25.92 -21.51 -0.31
N ASN A 208 26.36 -22.76 -0.38
CA ASN A 208 26.71 -23.54 0.80
C ASN A 208 25.57 -23.59 1.80
N ILE A 209 24.36 -23.81 1.31
CA ILE A 209 23.19 -23.88 2.18
C ILE A 209 22.74 -25.31 2.34
N PRO A 210 22.83 -25.85 3.57
CA PRO A 210 22.40 -27.24 3.79
C PRO A 210 20.89 -27.29 3.68
N PHE A 211 20.38 -28.36 3.09
CA PHE A 211 18.93 -28.49 2.95
C PHE A 211 18.49 -29.94 2.90
N GLU A 212 17.18 -30.15 2.94
CA GLU A 212 16.59 -31.48 2.88
C GLU A 212 15.56 -31.46 1.77
N TYR A 213 15.34 -32.60 1.13
CA TYR A 213 14.31 -32.64 0.11
C TYR A 213 12.97 -32.82 0.82
N GLN A 214 11.91 -32.34 0.19
CA GLN A 214 10.56 -32.49 0.71
C GLN A 214 9.78 -33.02 -0.48
N LEU A 215 9.64 -34.34 -0.53
CA LEU A 215 8.97 -35.00 -1.65
C LEU A 215 7.52 -34.62 -1.93
N GLY A 216 7.24 -34.33 -3.21
CA GLY A 216 5.90 -34.02 -3.65
C GLY A 216 5.24 -32.74 -3.18
N GLU A 217 6.02 -31.82 -2.62
CA GLU A 217 5.45 -30.57 -2.12
C GLU A 217 5.70 -29.37 -3.01
N GLY A 218 6.27 -29.58 -4.20
CA GLY A 218 6.49 -28.47 -5.10
C GLY A 218 5.15 -27.99 -5.66
N ALA A 219 5.15 -26.85 -6.33
CA ALA A 219 3.92 -26.34 -6.91
C ALA A 219 3.59 -27.15 -8.17
N PHE A 220 2.36 -27.07 -8.65
CA PHE A 220 2.02 -27.83 -9.85
C PHE A 220 2.81 -27.36 -11.07
N TYR A 221 3.35 -26.14 -10.99
CA TYR A 221 4.11 -25.55 -12.09
C TYR A 221 5.62 -25.52 -11.90
N GLY A 222 6.11 -26.01 -10.76
CA GLY A 222 7.54 -26.01 -10.57
C GLY A 222 8.01 -26.30 -9.16
N PRO A 223 9.29 -26.69 -9.01
CA PRO A 223 9.84 -26.99 -7.69
C PRO A 223 10.09 -25.73 -6.89
N LYS A 224 10.21 -25.89 -5.57
CA LYS A 224 10.38 -24.75 -4.70
C LYS A 224 11.42 -24.91 -3.60
N ILE A 225 12.21 -23.87 -3.38
CA ILE A 225 13.15 -23.84 -2.27
C ILE A 225 12.26 -23.20 -1.21
N GLU A 226 12.06 -23.90 -0.10
CA GLU A 226 11.21 -23.41 0.98
C GLU A 226 12.04 -22.95 2.17
N PHE A 227 11.78 -21.74 2.65
CA PHE A 227 12.47 -21.25 3.83
C PHE A 227 11.44 -21.28 4.95
N THR A 228 11.65 -22.12 5.95
CA THR A 228 10.71 -22.18 7.06
C THR A 228 11.22 -21.50 8.31
N LEU A 229 10.29 -20.83 8.98
CA LEU A 229 10.57 -20.13 10.22
C LEU A 229 9.69 -20.82 11.24
N TYR A 230 10.03 -20.68 12.52
CA TYR A 230 9.30 -21.38 13.57
C TYR A 230 8.59 -20.49 14.57
N ASP A 231 7.44 -20.95 15.05
CA ASP A 231 6.67 -20.20 16.02
C ASP A 231 7.03 -20.59 17.46
N CYS A 232 6.30 -20.06 18.43
CA CYS A 232 6.59 -20.32 19.84
C CYS A 232 6.50 -21.80 20.26
N LEU A 233 5.82 -22.61 19.46
CA LEU A 233 5.70 -24.04 19.77
C LEU A 233 6.66 -24.84 18.89
N ASP A 234 7.54 -24.12 18.21
CA ASP A 234 8.53 -24.71 17.32
C ASP A 234 7.89 -25.45 16.15
N ARG A 235 6.74 -24.93 15.70
CA ARG A 235 6.04 -25.50 14.55
C ARG A 235 6.58 -24.77 13.33
N ALA A 236 6.78 -25.51 12.25
CA ALA A 236 7.33 -24.93 11.02
C ALA A 236 6.29 -24.24 10.16
N TRP A 237 6.64 -23.05 9.69
CA TRP A 237 5.77 -22.29 8.81
C TRP A 237 6.55 -21.86 7.57
N GLN A 238 6.03 -22.18 6.40
CA GLN A 238 6.71 -21.80 5.17
C GLN A 238 6.57 -20.31 4.98
N CYS A 239 7.70 -19.63 4.84
CA CYS A 239 7.70 -18.19 4.65
C CYS A 239 8.34 -17.90 3.31
N GLY A 240 9.64 -17.63 3.27
CA GLY A 240 10.29 -17.36 1.99
C GLY A 240 10.23 -18.53 1.04
N THR A 241 10.23 -18.23 -0.25
CA THR A 241 10.17 -19.28 -1.25
C THR A 241 10.72 -18.80 -2.58
N VAL A 242 11.38 -19.70 -3.30
CA VAL A 242 11.94 -19.39 -4.62
C VAL A 242 11.53 -20.58 -5.50
N GLN A 243 10.83 -20.30 -6.59
CA GLN A 243 10.33 -21.37 -7.46
C GLN A 243 10.78 -21.15 -8.90
N LEU A 244 11.06 -22.25 -9.60
CA LEU A 244 11.53 -22.20 -10.99
C LEU A 244 10.44 -22.77 -11.88
N ASP A 245 9.99 -21.93 -12.80
CA ASP A 245 8.86 -22.22 -13.68
C ASP A 245 9.18 -22.18 -15.17
N PHE A 246 9.12 -23.33 -15.83
CA PHE A 246 9.38 -23.40 -17.27
C PHE A 246 8.05 -23.65 -17.98
N SER A 247 6.94 -23.48 -17.29
CA SER A 247 5.64 -23.78 -17.89
C SER A 247 4.64 -22.64 -18.07
N LEU A 248 4.47 -21.80 -17.05
CA LEU A 248 3.51 -20.72 -17.14
C LEU A 248 3.73 -19.74 -18.31
N PRO A 249 4.96 -19.27 -18.52
CA PRO A 249 5.24 -18.33 -19.61
C PRO A 249 4.72 -18.82 -20.95
N SER A 250 4.99 -20.08 -21.25
CA SER A 250 4.56 -20.67 -22.51
C SER A 250 3.04 -20.78 -22.60
N ARG A 251 2.40 -21.18 -21.51
CA ARG A 251 0.95 -21.32 -21.48
C ARG A 251 0.24 -19.99 -21.69
N LEU A 252 0.91 -18.91 -21.31
CA LEU A 252 0.33 -17.58 -21.46
C LEU A 252 0.92 -16.79 -22.62
N SER A 253 1.56 -17.51 -23.54
CA SER A 253 2.14 -16.91 -24.73
C SER A 253 3.17 -15.80 -24.50
N ALA A 254 3.98 -15.94 -23.45
CA ALA A 254 5.01 -14.93 -23.19
C ALA A 254 6.20 -15.24 -24.08
N SER A 255 6.86 -14.20 -24.58
CA SER A 255 8.03 -14.39 -25.43
C SER A 255 8.86 -13.12 -25.54
N TYR A 256 10.06 -13.26 -26.07
CA TYR A 256 10.95 -12.13 -26.28
C TYR A 256 11.85 -12.42 -27.48
N VAL A 257 12.44 -11.38 -28.03
CA VAL A 257 13.32 -11.52 -29.19
C VAL A 257 14.76 -11.63 -28.71
N GLY A 258 15.37 -12.78 -28.95
CA GLY A 258 16.75 -13.00 -28.53
C GLY A 258 17.75 -12.28 -29.41
N GLU A 259 19.02 -12.33 -29.01
CA GLU A 259 20.08 -11.68 -29.78
C GLU A 259 20.09 -12.15 -31.23
N ASP A 260 19.76 -13.41 -31.43
CA ASP A 260 19.72 -14.01 -32.77
C ASP A 260 18.51 -13.54 -33.56
N ASN A 261 17.67 -12.74 -32.90
CA ASN A 261 16.47 -12.18 -33.51
C ASN A 261 15.33 -13.19 -33.63
N GLU A 262 15.40 -14.28 -32.87
CA GLU A 262 14.35 -15.28 -32.91
C GLU A 262 13.52 -15.29 -31.62
N ARG A 263 12.25 -15.64 -31.76
CA ARG A 263 11.30 -15.71 -30.65
C ARG A 263 11.68 -16.76 -29.60
N LYS A 264 11.82 -16.33 -28.35
CA LYS A 264 12.19 -17.22 -27.25
C LYS A 264 11.15 -17.08 -26.14
N VAL A 265 10.98 -18.12 -25.34
CA VAL A 265 10.06 -18.08 -24.22
C VAL A 265 10.88 -17.83 -22.97
N PRO A 266 10.50 -16.83 -22.16
CA PRO A 266 11.29 -16.57 -20.97
C PRO A 266 11.05 -17.56 -19.84
N VAL A 267 12.06 -17.75 -19.00
CA VAL A 267 11.96 -18.61 -17.84
C VAL A 267 11.40 -17.67 -16.78
N MET A 268 10.64 -18.19 -15.83
CA MET A 268 10.12 -17.33 -14.78
C MET A 268 10.50 -17.89 -13.42
N ILE A 269 11.01 -17.00 -12.57
CA ILE A 269 11.34 -17.39 -11.22
C ILE A 269 10.31 -16.72 -10.33
N HIS A 270 9.68 -17.49 -9.45
CA HIS A 270 8.70 -16.92 -8.52
C HIS A 270 9.40 -16.79 -7.17
N ARG A 271 9.14 -15.72 -6.45
CA ARG A 271 9.73 -15.63 -5.11
C ARG A 271 9.02 -14.68 -4.18
N ALA A 272 8.91 -15.09 -2.92
CA ALA A 272 8.33 -14.26 -1.88
C ALA A 272 9.42 -14.31 -0.82
N ILE A 273 9.76 -13.17 -0.22
CA ILE A 273 10.81 -13.22 0.79
C ILE A 273 10.20 -13.39 2.18
N LEU A 274 9.26 -12.53 2.53
CA LEU A 274 8.61 -12.66 3.83
C LEU A 274 7.58 -13.76 3.78
N GLY A 275 7.04 -14.05 2.59
CA GLY A 275 6.01 -15.06 2.46
C GLY A 275 4.72 -14.29 2.29
N SER A 276 4.04 -14.04 3.41
CA SER A 276 2.85 -13.21 3.38
C SER A 276 3.07 -12.26 4.56
N MET A 277 2.57 -11.04 4.44
CA MET A 277 2.72 -10.08 5.52
C MET A 277 2.05 -10.59 6.78
N GLU A 278 0.89 -11.21 6.62
CA GLU A 278 0.15 -11.76 7.74
C GLU A 278 0.96 -12.81 8.50
N ARG A 279 1.42 -13.82 7.78
CA ARG A 279 2.18 -14.88 8.42
C ARG A 279 3.49 -14.38 8.99
N PHE A 280 4.16 -13.48 8.26
CA PHE A 280 5.44 -12.98 8.77
C PHE A 280 5.24 -12.19 10.06
N ILE A 281 4.19 -11.37 10.11
CA ILE A 281 3.92 -10.61 11.33
C ILE A 281 3.59 -11.55 12.47
N GLY A 282 2.93 -12.67 12.17
CA GLY A 282 2.61 -13.62 13.21
C GLY A 282 3.90 -14.16 13.78
N ILE A 283 4.83 -14.50 12.89
CA ILE A 283 6.13 -15.03 13.28
C ILE A 283 6.91 -14.01 14.10
N LEU A 284 6.93 -12.76 13.67
CA LEU A 284 7.66 -11.71 14.40
C LEU A 284 7.08 -11.48 15.78
N THR A 285 5.75 -11.50 15.87
CA THR A 285 5.10 -11.24 17.14
C THR A 285 5.53 -12.26 18.17
N GLU A 286 5.58 -13.53 17.78
CA GLU A 286 5.98 -14.57 18.70
C GLU A 286 7.50 -14.54 18.94
N GLU A 287 8.28 -14.27 17.89
CA GLU A 287 9.74 -14.22 18.02
C GLU A 287 10.15 -13.16 19.03
N PHE A 288 9.51 -12.01 18.98
CA PHE A 288 9.83 -10.90 19.87
C PHE A 288 8.94 -10.82 21.12
N ALA A 289 7.94 -11.69 21.19
CA ALA A 289 6.99 -11.69 22.30
C ALA A 289 6.34 -10.31 22.48
N GLY A 290 6.11 -9.63 21.36
CA GLY A 290 5.50 -8.32 21.40
C GLY A 290 6.50 -7.18 21.54
N PHE A 291 7.75 -7.49 21.89
CA PHE A 291 8.77 -6.44 22.02
C PHE A 291 9.34 -6.11 20.65
N PHE A 292 8.51 -5.50 19.82
CA PHE A 292 8.93 -5.16 18.46
C PHE A 292 10.07 -4.17 18.47
N PRO A 293 11.05 -4.37 17.56
CA PRO A 293 12.20 -3.45 17.47
C PRO A 293 11.60 -2.07 17.26
N THR A 294 12.25 -1.05 17.78
CA THR A 294 11.73 0.31 17.69
C THR A 294 11.22 0.74 16.31
N TRP A 295 11.92 0.38 15.25
CA TRP A 295 11.48 0.78 13.92
C TRP A 295 10.11 0.19 13.54
N LEU A 296 9.75 -0.93 14.15
CA LEU A 296 8.47 -1.59 13.89
C LEU A 296 7.39 -1.29 14.93
N ALA A 297 7.78 -0.77 16.09
CA ALA A 297 6.82 -0.52 17.16
C ALA A 297 5.70 0.44 16.78
N PRO A 298 4.43 0.01 16.97
CA PRO A 298 3.30 0.89 16.62
C PRO A 298 3.46 2.26 17.27
N VAL A 299 3.79 2.28 18.56
CA VAL A 299 4.04 3.53 19.28
C VAL A 299 5.46 3.39 19.80
N GLN A 300 6.33 4.30 19.37
CA GLN A 300 7.74 4.22 19.75
C GLN A 300 8.08 4.90 21.05
N VAL A 301 7.38 5.99 21.33
CA VAL A 301 7.61 6.76 22.54
C VAL A 301 6.34 7.30 23.19
N VAL A 302 6.27 7.22 24.50
CA VAL A 302 5.15 7.79 25.22
C VAL A 302 5.76 8.80 26.17
N ILE A 303 5.24 10.03 26.16
CA ILE A 303 5.73 11.09 27.03
C ILE A 303 4.65 11.35 28.07
N MET A 304 5.05 11.37 29.35
CA MET A 304 4.08 11.56 30.42
C MET A 304 4.49 12.61 31.44
N ASN A 305 3.48 13.24 32.02
CA ASN A 305 3.69 14.28 33.03
C ASN A 305 3.44 13.64 34.39
N ILE A 306 3.78 14.37 35.44
CA ILE A 306 3.56 13.89 36.81
C ILE A 306 2.28 14.55 37.30
N THR A 307 2.20 15.85 37.06
CA THR A 307 1.04 16.67 37.43
C THR A 307 0.76 17.63 36.29
N ASP A 308 -0.40 18.25 36.29
CA ASP A 308 -0.76 19.20 35.23
C ASP A 308 0.28 20.30 35.04
N SER A 309 1.15 20.47 36.02
CA SER A 309 2.19 21.48 35.94
C SER A 309 3.11 21.28 34.73
N GLN A 310 3.30 20.02 34.33
CA GLN A 310 4.17 19.73 33.19
C GLN A 310 3.41 19.41 31.89
N SER A 311 2.10 19.57 31.91
CA SER A 311 1.30 19.28 30.72
C SER A 311 1.68 20.02 29.45
N GLU A 312 1.91 21.33 29.54
CA GLU A 312 2.27 22.08 28.35
C GLU A 312 3.64 21.64 27.81
N TYR A 313 4.57 21.35 28.70
CA TYR A 313 5.90 20.90 28.32
C TYR A 313 5.82 19.57 27.58
N VAL A 314 4.99 18.66 28.10
CA VAL A 314 4.82 17.35 27.48
C VAL A 314 4.24 17.51 26.08
N ASN A 315 3.22 18.35 25.95
CA ASN A 315 2.58 18.60 24.66
C ASN A 315 3.60 19.16 23.67
N GLU A 316 4.46 20.06 24.13
CA GLU A 316 5.48 20.66 23.27
C GLU A 316 6.46 19.61 22.76
N LEU A 317 6.92 18.75 23.66
CA LEU A 317 7.86 17.69 23.29
C LEU A 317 7.22 16.68 22.35
N THR A 318 5.95 16.40 22.57
CA THR A 318 5.23 15.45 21.73
C THR A 318 5.21 15.95 20.28
N GLN A 319 4.86 17.22 20.09
CA GLN A 319 4.83 17.78 18.75
C GLN A 319 6.24 17.77 18.16
N LYS A 320 7.23 18.07 19.01
CA LYS A 320 8.61 18.10 18.55
C LYS A 320 9.07 16.73 18.04
N LEU A 321 8.79 15.68 18.81
CA LEU A 321 9.18 14.34 18.38
C LEU A 321 8.37 13.92 17.16
N SER A 322 7.12 14.32 17.11
CA SER A 322 6.26 14.00 15.98
C SER A 322 6.83 14.64 14.72
N ASN A 323 7.25 15.90 14.83
CA ASN A 323 7.83 16.59 13.68
C ASN A 323 9.13 15.95 13.25
N ALA A 324 9.78 15.25 14.17
CA ALA A 324 11.04 14.58 13.88
C ALA A 324 10.81 13.18 13.28
N GLY A 325 9.53 12.86 13.04
CA GLY A 325 9.19 11.58 12.45
C GLY A 325 9.05 10.39 13.38
N ILE A 326 8.92 10.65 14.67
CA ILE A 326 8.79 9.57 15.65
C ILE A 326 7.33 9.33 16.01
N ARG A 327 6.92 8.06 16.15
CA ARG A 327 5.55 7.72 16.54
C ARG A 327 5.48 7.93 18.04
N VAL A 328 4.95 9.07 18.44
CA VAL A 328 4.88 9.45 19.85
C VAL A 328 3.47 9.80 20.31
N LYS A 329 3.19 9.52 21.58
CA LYS A 329 1.91 9.79 22.17
C LYS A 329 2.12 10.41 23.55
N ALA A 330 1.20 11.27 23.96
CA ALA A 330 1.29 11.90 25.27
C ALA A 330 0.32 11.23 26.23
N ASP A 331 0.75 11.04 27.48
CA ASP A 331 -0.10 10.44 28.49
C ASP A 331 -0.22 11.46 29.62
N LEU A 332 -1.27 12.27 29.53
CA LEU A 332 -1.52 13.34 30.50
C LEU A 332 -2.56 12.98 31.55
N ARG A 333 -2.95 11.71 31.60
CA ARG A 333 -3.95 11.25 32.55
C ARG A 333 -3.59 11.53 34.01
N ASN A 334 -4.61 11.64 34.85
CA ASN A 334 -4.40 11.89 36.26
C ASN A 334 -4.17 10.56 36.98
N GLU A 335 -3.01 9.97 36.74
CA GLU A 335 -2.64 8.70 37.35
C GLU A 335 -1.18 8.82 37.79
N LYS A 336 -0.76 7.96 38.70
CA LYS A 336 0.62 7.98 39.16
C LYS A 336 1.56 7.53 38.05
N ILE A 337 2.80 8.00 38.13
CA ILE A 337 3.81 7.67 37.13
C ILE A 337 4.00 6.16 36.98
N GLY A 338 4.05 5.44 38.10
CA GLY A 338 4.23 4.00 38.05
C GLY A 338 3.09 3.33 37.28
N PHE A 339 1.88 3.82 37.50
CA PHE A 339 0.68 3.29 36.85
C PHE A 339 0.81 3.44 35.34
N LYS A 340 1.24 4.61 34.90
CA LYS A 340 1.42 4.87 33.48
C LYS A 340 2.50 3.98 32.87
N ILE A 341 3.63 3.88 33.55
CA ILE A 341 4.72 3.07 33.04
C ILE A 341 4.33 1.60 32.94
N ARG A 342 3.60 1.10 33.93
CA ARG A 342 3.19 -0.29 33.88
C ARG A 342 2.27 -0.54 32.67
N GLU A 343 1.35 0.39 32.42
CA GLU A 343 0.44 0.23 31.30
C GLU A 343 1.16 0.22 29.96
N HIS A 344 2.06 1.18 29.76
CA HIS A 344 2.75 1.25 28.48
C HIS A 344 3.79 0.16 28.30
N THR A 345 4.24 -0.41 29.42
CA THR A 345 5.18 -1.51 29.35
C THR A 345 4.40 -2.71 28.85
N LEU A 346 3.15 -2.86 29.29
CA LEU A 346 2.31 -3.97 28.85
C LEU A 346 2.01 -3.79 27.37
N ARG A 347 2.03 -2.54 26.92
CA ARG A 347 1.78 -2.24 25.51
C ARG A 347 3.06 -2.35 24.70
N ARG A 348 4.15 -2.71 25.38
CA ARG A 348 5.44 -2.88 24.74
C ARG A 348 5.99 -1.63 24.08
N VAL A 349 5.70 -0.46 24.63
CA VAL A 349 6.21 0.78 24.05
C VAL A 349 7.70 0.85 24.40
N PRO A 350 8.56 0.96 23.38
CA PRO A 350 10.01 1.03 23.61
C PRO A 350 10.49 2.01 24.68
N TYR A 351 10.10 3.28 24.53
CA TYR A 351 10.55 4.31 25.45
C TYR A 351 9.45 5.13 26.11
N MET A 352 9.65 5.41 27.39
CA MET A 352 8.70 6.22 28.14
C MET A 352 9.50 7.39 28.70
N LEU A 353 9.11 8.60 28.34
CA LEU A 353 9.79 9.79 28.82
C LEU A 353 8.96 10.42 29.92
N VAL A 354 9.57 10.54 31.09
CA VAL A 354 8.90 11.12 32.25
C VAL A 354 9.33 12.58 32.38
N CYS A 355 8.35 13.47 32.59
CA CYS A 355 8.63 14.89 32.72
C CYS A 355 8.14 15.45 34.04
N GLY A 356 9.09 15.76 34.91
CA GLY A 356 8.78 16.36 36.19
C GLY A 356 9.29 17.78 36.13
N ASP A 357 9.21 18.53 37.22
CA ASP A 357 9.67 19.90 37.22
C ASP A 357 11.12 20.04 36.76
N LYS A 358 12.01 19.20 37.31
CA LYS A 358 13.42 19.26 36.93
C LYS A 358 13.58 19.18 35.43
N GLU A 359 12.83 18.28 34.81
CA GLU A 359 12.89 18.10 33.37
C GLU A 359 12.46 19.38 32.67
N VAL A 360 11.31 19.91 33.06
CA VAL A 360 10.77 21.13 32.48
C VAL A 360 11.73 22.31 32.56
N GLU A 361 12.46 22.41 33.67
CA GLU A 361 13.41 23.50 33.85
C GLU A 361 14.70 23.32 33.05
N SER A 362 15.19 22.09 33.01
CA SER A 362 16.42 21.77 32.30
C SER A 362 16.26 21.42 30.82
N GLY A 363 15.02 21.32 30.35
CA GLY A 363 14.80 20.98 28.95
C GLY A 363 15.25 19.56 28.67
N LYS A 364 15.11 18.69 29.66
CA LYS A 364 15.49 17.30 29.53
C LYS A 364 14.29 16.39 29.75
N VAL A 365 14.53 15.09 29.75
CA VAL A 365 13.49 14.09 29.96
C VAL A 365 14.11 12.89 30.67
N ALA A 366 13.33 12.25 31.54
CA ALA A 366 13.81 11.07 32.25
C ALA A 366 13.38 9.88 31.38
N VAL A 367 14.35 9.09 30.92
CA VAL A 367 14.09 7.95 30.06
C VAL A 367 13.95 6.60 30.76
N ARG A 368 12.88 5.87 30.45
CA ARG A 368 12.61 4.55 31.02
C ARG A 368 12.30 3.63 29.83
N THR A 369 12.64 2.35 29.93
CA THR A 369 12.33 1.46 28.81
C THR A 369 11.36 0.36 29.22
N ARG A 370 10.78 -0.29 28.22
CA ARG A 370 9.81 -1.35 28.45
C ARG A 370 10.46 -2.61 29.03
N ARG A 371 11.78 -2.56 29.21
CA ARG A 371 12.50 -3.69 29.79
C ARG A 371 12.74 -3.48 31.28
N GLY A 372 12.05 -2.48 31.84
CA GLY A 372 12.16 -2.19 33.26
C GLY A 372 13.34 -1.36 33.68
N LYS A 373 14.04 -0.78 32.72
CA LYS A 373 15.22 0.01 33.02
C LYS A 373 15.03 1.51 33.10
N ASP A 374 15.94 2.13 33.85
CA ASP A 374 15.95 3.57 34.05
C ASP A 374 17.25 4.08 33.43
N LEU A 375 17.12 4.89 32.38
CA LEU A 375 18.30 5.42 31.68
C LEU A 375 18.71 6.80 32.16
N GLY A 376 17.99 7.33 33.14
CA GLY A 376 18.30 8.64 33.66
C GLY A 376 17.77 9.76 32.79
N SER A 377 18.13 11.00 33.13
CA SER A 377 17.68 12.14 32.34
C SER A 377 18.63 12.38 31.19
N MET A 378 18.09 12.80 30.05
CA MET A 378 18.89 13.06 28.86
C MET A 378 18.38 14.33 28.19
N ASP A 379 19.22 14.95 27.38
CA ASP A 379 18.84 16.16 26.67
C ASP A 379 17.88 15.72 25.58
N VAL A 380 16.81 16.48 25.38
CA VAL A 380 15.79 16.16 24.38
C VAL A 380 16.36 15.95 22.98
N ASN A 381 17.22 16.85 22.52
CA ASN A 381 17.78 16.72 21.18
C ASN A 381 18.67 15.49 21.02
N GLU A 382 19.28 15.06 22.12
CA GLU A 382 20.14 13.88 22.05
C GLU A 382 19.27 12.64 21.97
N VAL A 383 18.13 12.66 22.66
CA VAL A 383 17.21 11.52 22.62
C VAL A 383 16.70 11.35 21.19
N ILE A 384 16.31 12.46 20.58
CA ILE A 384 15.78 12.44 19.23
C ILE A 384 16.82 11.90 18.24
N GLU A 385 18.05 12.41 18.31
CA GLU A 385 19.09 11.92 17.40
C GLU A 385 19.32 10.44 17.56
N LYS A 386 19.34 9.98 18.81
CA LYS A 386 19.58 8.57 19.09
C LYS A 386 18.43 7.70 18.60
N LEU A 387 17.20 8.15 18.80
CA LEU A 387 16.04 7.38 18.36
C LEU A 387 16.03 7.32 16.83
N GLN A 388 16.33 8.44 16.18
CA GLN A 388 16.35 8.46 14.73
C GLN A 388 17.36 7.47 14.19
N GLN A 389 18.50 7.34 14.86
CA GLN A 389 19.52 6.41 14.42
C GLN A 389 19.07 4.97 14.64
N GLU A 390 18.42 4.71 15.78
CA GLU A 390 17.92 3.37 16.08
C GLU A 390 16.89 2.98 15.04
N ILE A 391 16.04 3.93 14.66
CA ILE A 391 15.00 3.69 13.66
C ILE A 391 15.59 3.58 12.27
N ARG A 392 16.40 4.55 11.89
CA ARG A 392 17.04 4.56 10.58
C ARG A 392 17.82 3.27 10.29
N SER A 393 18.54 2.77 11.30
CA SER A 393 19.33 1.57 11.12
C SER A 393 18.52 0.30 11.36
N ARG A 394 17.25 0.46 11.72
CA ARG A 394 16.39 -0.69 12.02
C ARG A 394 17.08 -1.62 13.03
N SER A 395 17.64 -1.03 14.07
CA SER A 395 18.34 -1.78 15.10
C SER A 395 17.45 -2.67 15.96
N LEU A 396 17.99 -3.82 16.36
CA LEU A 396 17.27 -4.76 17.21
C LEU A 396 17.42 -4.41 18.68
N LYS A 397 18.36 -3.52 19.00
CA LYS A 397 18.57 -3.17 20.38
C LYS A 397 18.29 -1.70 20.73
N GLN A 398 17.77 -1.50 21.92
CA GLN A 398 17.45 -0.15 22.41
C GLN A 398 18.69 0.48 23.02
N LEU A 399 18.58 1.77 23.36
CA LEU A 399 19.69 2.50 23.96
C LEU A 399 20.36 1.76 25.11
N GLU A 400 21.68 1.68 25.05
CA GLU A 400 22.46 1.03 26.09
C GLU A 400 22.07 -0.39 26.44
N GLU A 401 21.50 -1.12 25.48
CA GLU A 401 21.10 -2.51 25.72
C GLU A 401 21.06 -3.30 24.41
N ARG B 1 -6.38 14.86 -25.37
CA ARG B 1 -5.76 14.51 -24.10
C ARG B 1 -6.43 13.29 -23.48
N ASP B 2 -6.74 12.29 -24.31
CA ASP B 2 -7.39 11.06 -23.85
C ASP B 2 -6.44 10.31 -22.92
N HIS B 3 -6.84 10.14 -21.66
CA HIS B 3 -5.97 9.45 -20.72
C HIS B 3 -5.72 8.00 -21.11
N ARG B 4 -6.61 7.43 -21.92
CA ARG B 4 -6.43 6.05 -22.34
C ARG B 4 -5.28 5.96 -23.33
N LYS B 5 -5.16 6.97 -24.18
CA LYS B 5 -4.07 7.00 -25.16
C LYS B 5 -2.74 7.35 -24.49
N ILE B 6 -2.78 8.32 -23.57
CA ILE B 6 -1.58 8.74 -22.86
C ILE B 6 -1.09 7.61 -21.96
N GLY B 7 -2.03 6.87 -21.37
CA GLY B 7 -1.67 5.77 -20.50
C GLY B 7 -0.89 4.71 -21.24
N LYS B 8 -1.27 4.47 -22.49
CA LYS B 8 -0.58 3.48 -23.30
C LYS B 8 0.80 3.99 -23.73
N GLN B 9 0.84 5.23 -24.18
CA GLN B 9 2.08 5.85 -24.65
C GLN B 9 3.14 6.00 -23.55
N LEU B 10 2.71 6.24 -22.32
CA LEU B 10 3.63 6.39 -21.23
C LEU B 10 3.76 5.11 -20.39
N ASP B 11 3.16 4.02 -20.89
CA ASP B 11 3.23 2.72 -20.23
C ASP B 11 2.79 2.78 -18.76
N LEU B 12 1.66 3.41 -18.51
CA LEU B 12 1.15 3.57 -17.14
C LEU B 12 0.30 2.41 -16.66
N TYR B 13 -0.57 1.91 -17.54
CA TYR B 13 -1.46 0.83 -17.18
C TYR B 13 -2.06 0.24 -18.45
N HIS B 14 -2.81 -0.85 -18.31
CA HIS B 14 -3.50 -1.44 -19.45
C HIS B 14 -4.68 -2.21 -18.90
N MET B 15 -5.62 -2.53 -19.79
CA MET B 15 -6.80 -3.30 -19.41
C MET B 15 -7.02 -4.34 -20.52
N GLN B 16 -7.68 -5.44 -20.18
CA GLN B 16 -7.94 -6.51 -21.15
C GLN B 16 -9.34 -7.09 -21.03
N GLU B 17 -9.69 -7.90 -22.03
CA GLU B 17 -10.97 -8.61 -22.10
C GLU B 17 -11.20 -9.59 -20.95
N GLU B 18 -10.14 -10.25 -20.49
CA GLU B 18 -10.27 -11.21 -19.40
C GLU B 18 -10.57 -10.57 -18.04
N ALA B 19 -10.52 -9.26 -17.96
CA ALA B 19 -10.79 -8.57 -16.71
C ALA B 19 -11.42 -7.21 -16.98
N PRO B 20 -12.65 -7.20 -17.51
CA PRO B 20 -13.35 -5.95 -17.82
C PRO B 20 -13.42 -5.00 -16.62
N GLY B 21 -12.99 -3.76 -16.84
CA GLY B 21 -13.01 -2.78 -15.76
C GLY B 21 -11.97 -3.02 -14.68
N MET B 22 -10.99 -3.88 -14.95
CA MET B 22 -9.95 -4.18 -13.97
C MET B 22 -8.61 -3.64 -14.46
N VAL B 23 -7.99 -2.78 -13.66
CA VAL B 23 -6.74 -2.16 -14.08
C VAL B 23 -5.46 -2.91 -13.73
N PHE B 24 -4.56 -3.00 -14.70
CA PHE B 24 -3.25 -3.61 -14.50
C PHE B 24 -2.35 -2.39 -14.42
N TRP B 25 -1.83 -2.11 -13.23
CA TRP B 25 -0.94 -0.95 -13.08
C TRP B 25 0.49 -1.34 -13.40
N HIS B 26 1.05 -0.72 -14.42
CA HIS B 26 2.44 -0.98 -14.80
C HIS B 26 3.34 -0.21 -13.83
N ASN B 27 4.63 -0.47 -13.86
CA ASN B 27 5.54 0.20 -12.94
C ASN B 27 5.39 1.71 -12.85
N ASP B 28 5.38 2.39 -13.99
CA ASP B 28 5.28 3.85 -13.96
C ASP B 28 3.93 4.35 -13.47
N GLY B 29 2.85 3.66 -13.83
CA GLY B 29 1.54 4.07 -13.36
C GLY B 29 1.44 3.84 -11.87
N TRP B 30 1.98 2.72 -11.41
CA TRP B 30 1.94 2.40 -9.98
C TRP B 30 2.78 3.39 -9.18
N THR B 31 3.81 3.94 -9.79
CA THR B 31 4.61 4.92 -9.08
C THR B 31 3.79 6.18 -8.80
N ILE B 32 2.94 6.57 -9.76
CA ILE B 32 2.09 7.75 -9.57
C ILE B 32 1.10 7.45 -8.43
N PHE B 33 0.49 6.27 -8.50
CA PHE B 33 -0.49 5.82 -7.51
C PHE B 33 0.18 5.90 -6.12
N ARG B 34 1.37 5.34 -5.99
CA ARG B 34 2.06 5.34 -4.71
C ARG B 34 2.44 6.74 -4.22
N GLU B 35 2.79 7.63 -5.13
CA GLU B 35 3.15 8.99 -4.71
C GLU B 35 1.89 9.71 -4.20
N LEU B 36 0.73 9.39 -4.78
CA LEU B 36 -0.50 10.01 -4.32
C LEU B 36 -0.80 9.47 -2.93
N GLU B 37 -0.51 8.20 -2.69
CA GLU B 37 -0.75 7.62 -1.36
C GLU B 37 0.12 8.34 -0.35
N VAL B 38 1.37 8.63 -0.72
CA VAL B 38 2.27 9.33 0.19
C VAL B 38 1.70 10.71 0.54
N PHE B 39 1.17 11.39 -0.47
CA PHE B 39 0.59 12.71 -0.29
C PHE B 39 -0.63 12.62 0.63
N VAL B 40 -1.52 11.67 0.35
CA VAL B 40 -2.69 11.52 1.21
C VAL B 40 -2.26 11.22 2.65
N ARG B 41 -1.31 10.30 2.83
CA ARG B 41 -0.88 9.98 4.17
C ARG B 41 -0.30 11.17 4.92
N SER B 42 0.37 12.06 4.21
CA SER B 42 0.94 13.24 4.85
C SER B 42 -0.20 14.09 5.41
N LYS B 43 -1.32 14.11 4.69
CA LYS B 43 -2.49 14.86 5.11
C LYS B 43 -3.26 14.12 6.20
N LEU B 44 -3.23 12.80 6.17
CA LEU B 44 -3.92 12.01 7.19
C LEU B 44 -3.23 12.28 8.54
N LYS B 45 -1.92 12.47 8.51
CA LYS B 45 -1.19 12.75 9.74
C LYS B 45 -1.52 14.16 10.23
N GLU B 46 -1.51 15.12 9.32
CA GLU B 46 -1.78 16.51 9.67
C GLU B 46 -3.21 16.72 10.19
N TYR B 47 -4.17 16.02 9.58
CA TYR B 47 -5.57 16.15 9.97
C TYR B 47 -6.01 15.13 11.01
N GLN B 48 -5.04 14.40 11.57
CA GLN B 48 -5.27 13.44 12.63
C GLN B 48 -6.23 12.28 12.39
N TYR B 49 -5.81 11.36 11.54
CA TYR B 49 -6.58 10.17 11.18
C TYR B 49 -5.79 8.91 11.52
N GLN B 50 -6.49 7.83 11.90
CA GLN B 50 -5.84 6.54 12.10
C GLN B 50 -5.90 5.95 10.69
N GLU B 51 -5.16 4.88 10.43
CA GLU B 51 -5.24 4.22 9.13
C GLU B 51 -5.35 2.73 9.41
N VAL B 52 -6.34 2.09 8.79
CA VAL B 52 -6.59 0.68 9.01
C VAL B 52 -6.74 -0.06 7.68
N LYS B 53 -7.03 -1.36 7.74
CA LYS B 53 -7.27 -2.14 6.54
C LYS B 53 -8.28 -3.23 6.88
N GLY B 54 -9.41 -3.22 6.18
CA GLY B 54 -10.44 -4.21 6.43
C GLY B 54 -10.37 -5.35 5.44
N PRO B 55 -11.11 -6.43 5.69
CA PRO B 55 -11.11 -7.58 4.80
C PRO B 55 -11.79 -7.33 3.47
N PHE B 56 -11.43 -8.14 2.49
CA PHE B 56 -11.93 -8.06 1.13
C PHE B 56 -13.39 -8.49 1.02
N MET B 57 -13.80 -9.43 1.86
CA MET B 57 -15.17 -9.88 1.80
C MET B 57 -15.70 -10.18 3.20
N MET B 58 -17.02 -10.16 3.32
CA MET B 58 -17.70 -10.43 4.56
C MET B 58 -19.01 -11.13 4.24
N ASP B 59 -19.53 -11.88 5.20
CA ASP B 59 -20.76 -12.63 5.05
C ASP B 59 -21.95 -11.76 4.59
N ARG B 60 -22.76 -12.32 3.70
CA ARG B 60 -23.93 -11.64 3.17
C ARG B 60 -24.80 -11.08 4.29
N VAL B 61 -24.89 -11.82 5.39
CA VAL B 61 -25.69 -11.41 6.53
C VAL B 61 -25.38 -9.98 6.98
N LEU B 62 -24.11 -9.64 7.04
CA LEU B 62 -23.70 -8.29 7.45
C LEU B 62 -24.19 -7.25 6.45
N TRP B 63 -24.07 -7.57 5.16
CA TRP B 63 -24.50 -6.65 4.11
C TRP B 63 -26.02 -6.51 4.06
N GLU B 64 -26.72 -7.50 4.61
CA GLU B 64 -28.18 -7.42 4.64
C GLU B 64 -28.54 -6.43 5.76
N LYS B 65 -27.82 -6.52 6.87
CA LYS B 65 -28.10 -5.66 8.00
C LYS B 65 -27.89 -4.18 7.74
N THR B 66 -26.88 -3.85 6.94
CA THR B 66 -26.58 -2.45 6.64
C THR B 66 -27.56 -1.84 5.66
N GLY B 67 -28.23 -2.70 4.89
CA GLY B 67 -29.16 -2.22 3.90
C GLY B 67 -28.54 -2.34 2.52
N HIS B 68 -27.28 -2.73 2.45
CA HIS B 68 -26.62 -2.88 1.16
C HIS B 68 -27.25 -3.96 0.27
N TRP B 69 -27.71 -5.05 0.87
CA TRP B 69 -28.29 -6.10 0.06
C TRP B 69 -29.54 -5.61 -0.64
N ASP B 70 -30.44 -4.97 0.08
CA ASP B 70 -31.68 -4.49 -0.52
C ASP B 70 -31.53 -3.25 -1.39
N ASN B 71 -30.55 -2.42 -1.09
CA ASN B 71 -30.39 -1.18 -1.84
C ASN B 71 -29.14 -1.11 -2.72
N TYR B 72 -28.32 -2.17 -2.71
CA TYR B 72 -27.08 -2.16 -3.48
C TYR B 72 -26.67 -3.53 -4.06
N LYS B 73 -27.52 -4.54 -3.93
CA LYS B 73 -27.18 -5.87 -4.41
C LYS B 73 -26.72 -6.02 -5.86
N ASP B 74 -27.29 -5.24 -6.77
CA ASP B 74 -26.93 -5.36 -8.18
C ASP B 74 -25.49 -4.91 -8.47
N ALA B 75 -24.92 -4.15 -7.56
CA ALA B 75 -23.56 -3.67 -7.75
C ALA B 75 -22.53 -4.56 -7.04
N MET B 76 -23.00 -5.56 -6.30
CA MET B 76 -22.08 -6.41 -5.56
C MET B 76 -21.74 -7.77 -6.15
N PHE B 77 -20.45 -8.12 -6.06
CA PHE B 77 -19.96 -9.42 -6.53
C PHE B 77 -20.12 -10.34 -5.33
N THR B 78 -20.53 -11.58 -5.58
CA THR B 78 -20.67 -12.51 -4.47
C THR B 78 -19.88 -13.76 -4.75
N THR B 79 -19.51 -14.46 -3.69
CA THR B 79 -18.78 -15.70 -3.80
C THR B 79 -19.22 -16.56 -2.63
N SER B 80 -18.70 -17.77 -2.53
CA SER B 80 -19.11 -18.64 -1.44
C SER B 80 -18.01 -19.57 -0.96
N SER B 81 -18.21 -20.08 0.24
CA SER B 81 -17.29 -21.03 0.85
C SER B 81 -18.01 -21.81 1.93
N GLU B 82 -17.82 -23.12 1.90
CA GLU B 82 -18.45 -24.00 2.88
C GLU B 82 -19.91 -23.65 3.20
N ASN B 83 -20.69 -23.51 2.14
CA ASN B 83 -22.12 -23.22 2.23
C ASN B 83 -22.50 -21.84 2.79
N ARG B 84 -21.53 -20.93 2.81
CA ARG B 84 -21.83 -19.58 3.26
C ARG B 84 -21.56 -18.63 2.11
N GLU B 85 -22.39 -17.60 1.99
CA GLU B 85 -22.24 -16.62 0.92
C GLU B 85 -21.56 -15.36 1.41
N TYR B 86 -20.68 -14.81 0.58
CA TYR B 86 -19.96 -13.59 0.93
C TYR B 86 -20.09 -12.56 -0.17
N CYS B 87 -19.97 -11.28 0.20
CA CYS B 87 -20.03 -10.21 -0.77
C CYS B 87 -18.66 -9.60 -0.77
N ILE B 88 -18.09 -9.40 -1.96
CA ILE B 88 -16.78 -8.75 -2.04
C ILE B 88 -17.17 -7.30 -1.75
N LYS B 89 -16.44 -6.63 -0.86
CA LYS B 89 -16.88 -5.29 -0.50
C LYS B 89 -16.92 -4.20 -1.57
N PRO B 90 -18.05 -3.47 -1.63
CA PRO B 90 -18.21 -2.39 -2.60
C PRO B 90 -17.90 -1.08 -1.87
N MET B 91 -17.78 -1.15 -0.54
CA MET B 91 -17.52 0.01 0.32
C MET B 91 -16.75 -0.45 1.55
N ASN B 92 -16.03 0.49 2.19
CA ASN B 92 -15.22 0.18 3.36
C ASN B 92 -15.89 0.47 4.70
N CYS B 93 -17.01 1.17 4.66
CA CYS B 93 -17.69 1.55 5.90
C CYS B 93 -18.05 0.44 6.88
N PRO B 94 -18.71 -0.62 6.41
CA PRO B 94 -19.04 -1.67 7.37
C PRO B 94 -17.84 -2.25 8.10
N GLY B 95 -16.73 -2.43 7.39
CA GLY B 95 -15.53 -2.97 8.02
C GLY B 95 -15.01 -1.98 9.06
N HIS B 96 -15.12 -0.68 8.78
CA HIS B 96 -14.66 0.31 9.74
C HIS B 96 -15.50 0.26 11.00
N VAL B 97 -16.80 0.06 10.85
CA VAL B 97 -17.63 -0.04 12.06
C VAL B 97 -17.22 -1.29 12.86
N GLN B 98 -16.87 -2.38 12.16
CA GLN B 98 -16.47 -3.59 12.86
C GLN B 98 -15.22 -3.32 13.69
N ILE B 99 -14.31 -2.49 13.17
CA ILE B 99 -13.10 -2.16 13.92
C ILE B 99 -13.45 -1.26 15.09
N PHE B 100 -14.31 -0.29 14.84
CA PHE B 100 -14.78 0.64 15.87
C PHE B 100 -15.43 -0.14 17.03
N ASN B 101 -16.17 -1.18 16.69
CA ASN B 101 -16.89 -2.00 17.67
C ASN B 101 -16.00 -2.83 18.58
N GLN B 102 -14.71 -2.89 18.28
CA GLN B 102 -13.78 -3.66 19.11
C GLN B 102 -13.28 -2.75 20.22
N GLY B 103 -13.70 -3.07 21.45
CA GLY B 103 -13.30 -2.28 22.60
C GLY B 103 -14.33 -1.22 22.93
N LEU B 104 -14.58 -1.03 24.23
CA LEU B 104 -15.56 -0.04 24.66
C LEU B 104 -15.08 1.36 24.28
N LYS B 105 -16.00 2.16 23.75
CA LYS B 105 -15.70 3.52 23.33
C LYS B 105 -16.38 4.53 24.24
N SER B 106 -15.69 5.63 24.47
CA SER B 106 -16.18 6.72 25.31
C SER B 106 -16.25 7.97 24.46
N TYR B 107 -16.94 8.99 24.97
CA TYR B 107 -17.05 10.25 24.25
C TYR B 107 -15.64 10.83 24.11
N ARG B 108 -14.74 10.43 25.01
CA ARG B 108 -13.36 10.93 24.98
C ARG B 108 -12.60 10.42 23.75
N ASP B 109 -13.14 9.40 23.09
CA ASP B 109 -12.50 8.83 21.91
C ASP B 109 -13.00 9.51 20.62
N LEU B 110 -13.98 10.40 20.75
CA LEU B 110 -14.55 11.07 19.58
C LEU B 110 -14.10 12.52 19.45
N PRO B 111 -13.93 12.99 18.21
CA PRO B 111 -14.11 12.24 16.97
C PRO B 111 -13.00 11.23 16.71
N LEU B 112 -13.39 10.10 16.15
CA LEU B 112 -12.44 9.05 15.80
C LEU B 112 -12.46 9.04 14.28
N ARG B 113 -11.34 9.43 13.67
CA ARG B 113 -11.23 9.51 12.22
C ARG B 113 -10.48 8.30 11.72
N MET B 114 -11.16 7.41 10.99
CA MET B 114 -10.55 6.17 10.54
C MET B 114 -10.42 6.10 9.01
N ALA B 115 -9.19 6.19 8.51
CA ALA B 115 -8.96 6.16 7.07
C ALA B 115 -8.46 4.79 6.58
N GLU B 116 -8.67 4.56 5.28
CA GLU B 116 -8.20 3.33 4.64
C GLU B 116 -8.08 3.57 3.14
N PHE B 117 -7.07 2.99 2.51
CA PHE B 117 -6.98 3.06 1.05
C PHE B 117 -7.70 1.73 0.81
N GLY B 118 -9.02 1.81 0.65
CA GLY B 118 -9.82 0.61 0.53
C GLY B 118 -10.15 0.18 -0.88
N SER B 119 -9.79 -1.07 -1.19
CA SER B 119 -10.05 -1.65 -2.49
C SER B 119 -11.52 -2.06 -2.53
N CYS B 120 -12.27 -1.48 -3.45
CA CYS B 120 -13.68 -1.75 -3.61
C CYS B 120 -13.93 -2.36 -4.96
N HIS B 121 -14.93 -3.22 -5.03
CA HIS B 121 -15.31 -3.82 -6.30
C HIS B 121 -16.79 -3.63 -6.47
N ARG B 122 -17.17 -3.12 -7.63
CA ARG B 122 -18.56 -2.89 -7.96
C ARG B 122 -18.83 -3.45 -9.35
N ASN B 123 -19.91 -4.21 -9.45
CA ASN B 123 -20.26 -4.82 -10.73
C ASN B 123 -20.95 -3.81 -11.66
N GLU B 124 -20.19 -2.83 -12.12
CA GLU B 124 -20.72 -1.81 -13.01
C GLU B 124 -21.09 -2.42 -14.36
N PRO B 125 -22.19 -1.96 -14.97
CA PRO B 125 -22.60 -2.51 -16.28
C PRO B 125 -21.43 -2.31 -17.25
N SER B 126 -21.03 -3.36 -17.96
CA SER B 126 -19.90 -3.26 -18.87
C SER B 126 -20.00 -2.12 -19.88
N GLY B 127 -21.23 -1.76 -20.27
CA GLY B 127 -21.42 -0.69 -21.23
C GLY B 127 -21.15 0.69 -20.68
N SER B 128 -21.01 0.80 -19.36
CA SER B 128 -20.75 2.08 -18.72
C SER B 128 -19.28 2.27 -18.38
N LEU B 129 -18.48 1.21 -18.56
CA LEU B 129 -17.07 1.29 -18.25
C LEU B 129 -16.34 2.28 -19.16
N HIS B 130 -15.40 3.01 -18.58
CA HIS B 130 -14.66 3.99 -19.35
C HIS B 130 -13.27 4.22 -18.77
N GLY B 131 -12.26 3.69 -19.46
CA GLY B 131 -10.88 3.85 -19.02
C GLY B 131 -10.69 3.67 -17.53
N LEU B 132 -9.99 4.63 -16.93
CA LEU B 132 -9.74 4.63 -15.48
C LEU B 132 -10.87 5.33 -14.74
N MET B 133 -11.71 6.08 -15.49
CA MET B 133 -12.79 6.85 -14.87
C MET B 133 -13.90 6.01 -14.24
N ARG B 134 -14.33 4.97 -14.93
CA ARG B 134 -15.35 4.11 -14.35
C ARG B 134 -14.87 2.68 -14.53
N VAL B 135 -14.46 2.08 -13.42
CA VAL B 135 -13.92 0.73 -13.41
C VAL B 135 -14.72 -0.16 -12.46
N ARG B 136 -14.39 -1.44 -12.42
CA ARG B 136 -15.06 -2.39 -11.53
C ARG B 136 -14.27 -2.62 -10.26
N GLY B 137 -12.98 -2.35 -10.31
CA GLY B 137 -12.13 -2.51 -9.14
C GLY B 137 -11.36 -1.22 -8.99
N PHE B 138 -11.46 -0.58 -7.83
CA PHE B 138 -10.75 0.67 -7.59
C PHE B 138 -10.38 0.84 -6.13
N THR B 139 -9.46 1.77 -5.88
CA THR B 139 -9.03 2.04 -4.50
C THR B 139 -9.50 3.42 -4.09
N GLN B 140 -10.26 3.50 -3.01
CA GLN B 140 -10.73 4.80 -2.51
C GLN B 140 -9.80 5.33 -1.42
N ASP B 141 -9.59 6.65 -1.37
CA ASP B 141 -8.83 7.28 -0.28
C ASP B 141 -9.98 7.62 0.68
N ASP B 142 -10.47 6.56 1.30
CA ASP B 142 -11.63 6.60 2.16
C ASP B 142 -11.38 6.85 3.63
N ALA B 143 -12.42 7.29 4.31
CA ALA B 143 -12.38 7.46 5.76
C ALA B 143 -13.78 7.62 6.31
N HIS B 144 -13.95 7.19 7.55
CA HIS B 144 -15.20 7.36 8.25
C HIS B 144 -14.87 7.99 9.57
N ILE B 145 -15.58 9.07 9.86
CA ILE B 145 -15.39 9.80 11.10
C ILE B 145 -16.58 9.51 12.00
N PHE B 146 -16.30 8.98 13.17
CA PHE B 146 -17.35 8.67 14.15
C PHE B 146 -17.33 9.86 15.09
N CYS B 147 -18.48 10.49 15.30
CA CYS B 147 -18.52 11.66 16.15
C CYS B 147 -19.88 11.88 16.77
N THR B 148 -19.99 12.92 17.61
CA THR B 148 -21.24 13.24 18.25
C THR B 148 -22.00 14.22 17.36
N GLU B 149 -23.30 14.40 17.62
CA GLU B 149 -24.06 15.33 16.82
C GLU B 149 -23.50 16.75 16.92
N GLU B 150 -23.02 17.13 18.11
CA GLU B 150 -22.46 18.46 18.29
C GLU B 150 -21.16 18.66 17.50
N GLN B 151 -20.50 17.55 17.15
CA GLN B 151 -19.23 17.63 16.41
C GLN B 151 -19.40 17.61 14.90
N ILE B 152 -20.62 17.41 14.42
CA ILE B 152 -20.85 17.35 12.98
C ILE B 152 -20.35 18.58 12.23
N ARG B 153 -20.74 19.77 12.66
CA ARG B 153 -20.31 20.97 11.97
C ARG B 153 -18.80 21.03 11.80
N ASP B 154 -18.05 20.90 12.88
CA ASP B 154 -16.60 20.98 12.78
C ASP B 154 -15.99 19.88 11.92
N GLU B 155 -16.53 18.67 12.03
CA GLU B 155 -15.97 17.56 11.26
C GLU B 155 -16.29 17.67 9.77
N VAL B 156 -17.49 18.12 9.41
CA VAL B 156 -17.80 18.28 8.00
C VAL B 156 -16.94 19.43 7.45
N ASN B 157 -16.81 20.51 8.22
CA ASN B 157 -15.99 21.62 7.75
C ASN B 157 -14.55 21.19 7.52
N GLY B 158 -14.06 20.32 8.40
CA GLY B 158 -12.71 19.81 8.29
C GLY B 158 -12.54 19.02 7.00
N CYS B 159 -13.56 18.23 6.64
CA CYS B 159 -13.49 17.44 5.42
C CYS B 159 -13.47 18.35 4.19
N ILE B 160 -14.28 19.40 4.21
CA ILE B 160 -14.34 20.34 3.11
C ILE B 160 -13.01 21.05 2.96
N ARG B 161 -12.45 21.50 4.08
CA ARG B 161 -11.18 22.19 3.99
C ARG B 161 -10.09 21.27 3.46
N LEU B 162 -10.16 19.99 3.83
CA LEU B 162 -9.18 19.03 3.37
C LEU B 162 -9.25 18.86 1.85
N VAL B 163 -10.46 18.88 1.30
CA VAL B 163 -10.63 18.73 -0.13
C VAL B 163 -9.96 19.88 -0.89
N TYR B 164 -10.23 21.12 -0.49
CA TYR B 164 -9.63 22.26 -1.18
C TYR B 164 -8.14 22.33 -0.93
N ASP B 165 -7.71 21.92 0.25
CA ASP B 165 -6.29 21.89 0.60
C ASP B 165 -5.59 20.98 -0.41
N MET B 166 -6.04 19.73 -0.49
CA MET B 166 -5.42 18.80 -1.40
C MET B 166 -5.58 19.16 -2.88
N TYR B 167 -6.76 19.61 -3.28
CA TYR B 167 -6.97 19.96 -4.68
C TYR B 167 -6.10 21.13 -5.12
N SER B 168 -5.79 22.04 -4.19
CA SER B 168 -4.99 23.22 -4.53
C SER B 168 -3.62 22.84 -5.07
N THR B 169 -3.11 21.70 -4.63
CA THR B 169 -1.81 21.21 -5.06
C THR B 169 -1.77 20.95 -6.57
N PHE B 170 -2.89 20.54 -7.13
CA PHE B 170 -2.97 20.22 -8.55
C PHE B 170 -3.36 21.38 -9.46
N GLY B 171 -3.68 22.52 -8.88
CA GLY B 171 -4.05 23.68 -9.66
C GLY B 171 -5.35 23.55 -10.44
N PHE B 172 -6.32 22.82 -9.90
CA PHE B 172 -7.60 22.65 -10.57
C PHE B 172 -8.35 23.97 -10.67
N GLU B 173 -8.60 24.38 -11.91
CA GLU B 173 -9.29 25.62 -12.21
C GLU B 173 -10.81 25.44 -12.12
N LYS B 174 -11.29 24.22 -12.29
CA LYS B 174 -12.73 23.97 -12.26
C LYS B 174 -13.14 22.86 -11.30
N ILE B 175 -13.79 23.26 -10.21
CA ILE B 175 -14.29 22.33 -9.19
C ILE B 175 -15.74 22.72 -8.95
N VAL B 176 -16.66 21.85 -9.37
CA VAL B 176 -18.09 22.11 -9.23
C VAL B 176 -18.71 21.26 -8.14
N VAL B 177 -19.42 21.90 -7.21
CA VAL B 177 -20.00 21.19 -6.08
C VAL B 177 -21.50 20.98 -6.18
N LYS B 178 -21.95 19.79 -5.78
CA LYS B 178 -23.37 19.46 -5.82
C LYS B 178 -23.79 18.85 -4.50
N LEU B 179 -25.04 19.07 -4.11
CA LEU B 179 -25.56 18.48 -2.90
C LEU B 179 -26.66 17.53 -3.36
N SER B 180 -26.42 16.24 -3.19
CA SER B 180 -27.36 15.20 -3.62
C SER B 180 -28.23 14.77 -2.46
N THR B 181 -29.54 14.94 -2.64
CA THR B 181 -30.53 14.65 -1.61
C THR B 181 -31.16 13.27 -1.64
N ARG B 182 -32.05 13.02 -0.68
CA ARG B 182 -32.69 11.71 -0.52
C ARG B 182 -33.14 10.99 -1.78
N PRO B 183 -32.63 9.76 -1.99
CA PRO B 183 -33.00 8.96 -3.17
C PRO B 183 -34.31 8.21 -2.91
N GLU B 184 -34.88 7.67 -3.99
CA GLU B 184 -36.14 6.93 -3.90
C GLU B 184 -36.05 5.73 -2.95
N LYS B 185 -34.92 5.02 -2.99
CA LYS B 185 -34.72 3.87 -2.11
C LYS B 185 -33.74 4.29 -1.02
N ARG B 186 -34.21 4.35 0.22
CA ARG B 186 -33.33 4.79 1.30
C ARG B 186 -33.70 4.25 2.67
N ILE B 187 -32.76 4.37 3.60
CA ILE B 187 -32.99 3.96 4.97
C ILE B 187 -32.95 5.23 5.82
N GLY B 188 -33.59 5.19 6.98
CA GLY B 188 -33.61 6.37 7.83
C GLY B 188 -34.92 7.10 7.64
N SER B 189 -35.38 7.79 8.68
CA SER B 189 -36.64 8.53 8.62
C SER B 189 -36.51 9.86 7.91
N ASP B 190 -37.64 10.42 7.50
CA ASP B 190 -37.64 11.70 6.81
C ASP B 190 -37.06 12.79 7.71
N GLU B 191 -37.27 12.65 9.01
CA GLU B 191 -36.78 13.62 10.00
C GLU B 191 -35.25 13.62 9.97
N MET B 192 -34.65 12.43 9.95
CA MET B 192 -33.20 12.31 9.91
C MET B 192 -32.65 12.88 8.62
N TRP B 193 -33.35 12.64 7.52
CA TRP B 193 -32.91 13.17 6.24
C TRP B 193 -33.02 14.70 6.22
N ASP B 194 -34.07 15.24 6.84
CA ASP B 194 -34.24 16.68 6.88
C ASP B 194 -33.03 17.30 7.55
N ARG B 195 -32.67 16.74 8.71
CA ARG B 195 -31.55 17.23 9.48
C ARG B 195 -30.21 17.10 8.76
N ALA B 196 -29.96 15.92 8.19
CA ALA B 196 -28.70 15.67 7.49
C ALA B 196 -28.54 16.56 6.26
N GLU B 197 -29.61 16.69 5.48
CA GLU B 197 -29.56 17.52 4.29
C GLU B 197 -29.30 18.95 4.68
N ALA B 198 -29.94 19.39 5.77
CA ALA B 198 -29.76 20.75 6.26
C ALA B 198 -28.32 20.95 6.74
N ASP B 199 -27.76 19.98 7.44
CA ASP B 199 -26.39 20.12 7.93
C ASP B 199 -25.40 20.31 6.79
N LEU B 200 -25.58 19.58 5.70
CA LEU B 200 -24.64 19.70 4.59
C LEU B 200 -24.81 21.01 3.82
N ALA B 201 -26.04 21.48 3.69
CA ALA B 201 -26.29 22.74 2.98
C ALA B 201 -25.66 23.87 3.77
N VAL B 202 -25.83 23.83 5.09
CA VAL B 202 -25.25 24.86 5.97
C VAL B 202 -23.73 24.83 5.86
N ALA B 203 -23.14 23.64 5.81
CA ALA B 203 -21.69 23.51 5.70
C ALA B 203 -21.19 24.13 4.40
N LEU B 204 -21.91 23.88 3.30
CA LEU B 204 -21.48 24.43 2.03
C LEU B 204 -21.54 25.95 2.04
N GLU B 205 -22.62 26.52 2.57
CA GLU B 205 -22.72 27.97 2.59
C GLU B 205 -21.73 28.59 3.56
N GLU B 206 -21.49 27.96 4.70
CA GLU B 206 -20.53 28.51 5.67
C GLU B 206 -19.12 28.51 5.11
N ASN B 207 -18.88 27.65 4.12
CA ASN B 207 -17.57 27.58 3.48
C ASN B 207 -17.51 28.37 2.19
N ASN B 208 -18.57 29.15 1.97
CA ASN B 208 -18.64 30.03 0.80
C ASN B 208 -18.60 29.27 -0.53
N ILE B 209 -19.22 28.10 -0.56
CA ILE B 209 -19.23 27.28 -1.77
C ILE B 209 -20.55 27.35 -2.51
N PRO B 210 -20.52 27.75 -3.79
CA PRO B 210 -21.79 27.79 -4.50
C PRO B 210 -22.05 26.34 -4.86
N PHE B 211 -23.31 25.91 -4.81
CA PHE B 211 -23.59 24.52 -5.14
C PHE B 211 -24.97 24.42 -5.72
N GLU B 212 -25.25 23.33 -6.42
CA GLU B 212 -26.58 23.16 -6.96
C GLU B 212 -27.09 21.83 -6.44
N TYR B 213 -28.39 21.75 -6.22
CA TYR B 213 -28.99 20.52 -5.73
C TYR B 213 -29.10 19.51 -6.84
N GLN B 214 -28.96 18.24 -6.48
CA GLN B 214 -29.07 17.11 -7.40
C GLN B 214 -30.08 16.23 -6.68
N LEU B 215 -31.36 16.48 -6.96
CA LEU B 215 -32.45 15.75 -6.32
C LEU B 215 -32.44 14.24 -6.55
N GLY B 216 -32.66 13.51 -5.46
CA GLY B 216 -32.72 12.07 -5.50
C GLY B 216 -31.44 11.31 -5.79
N GLU B 217 -30.29 11.97 -5.77
CA GLU B 217 -29.02 11.31 -6.05
C GLU B 217 -28.15 10.95 -4.83
N GLY B 218 -28.68 11.18 -3.64
CA GLY B 218 -27.93 10.88 -2.43
C GLY B 218 -27.75 9.37 -2.26
N ALA B 219 -26.88 8.97 -1.35
CA ALA B 219 -26.65 7.55 -1.10
C ALA B 219 -27.86 7.00 -0.35
N PHE B 220 -28.07 5.69 -0.37
CA PHE B 220 -29.22 5.14 0.35
C PHE B 220 -29.13 5.40 1.85
N TYR B 221 -27.91 5.64 2.35
CA TYR B 221 -27.71 5.88 3.78
C TYR B 221 -27.49 7.35 4.17
N GLY B 222 -27.52 8.26 3.21
CA GLY B 222 -27.33 9.66 3.57
C GLY B 222 -27.08 10.61 2.40
N PRO B 223 -27.33 11.91 2.60
CA PRO B 223 -27.10 12.87 1.52
C PRO B 223 -25.61 13.04 1.30
N LYS B 224 -25.23 13.56 0.14
CA LYS B 224 -23.82 13.70 -0.13
C LYS B 224 -23.42 14.94 -0.89
N ILE B 225 -22.27 15.46 -0.49
CA ILE B 225 -21.69 16.60 -1.15
C ILE B 225 -20.79 15.94 -2.19
N GLU B 226 -20.89 16.39 -3.43
CA GLU B 226 -20.08 15.84 -4.51
C GLU B 226 -19.15 16.92 -5.05
N PHE B 227 -17.86 16.63 -5.12
CA PHE B 227 -16.88 17.56 -5.68
C PHE B 227 -16.61 17.00 -7.08
N THR B 228 -17.11 17.71 -8.08
CA THR B 228 -17.01 17.30 -9.47
C THR B 228 -15.80 17.88 -10.19
N LEU B 229 -15.06 17.03 -10.87
CA LEU B 229 -13.90 17.46 -11.67
C LEU B 229 -14.25 17.09 -13.12
N TYR B 230 -13.56 17.71 -14.07
CA TYR B 230 -13.86 17.48 -15.48
C TYR B 230 -12.72 16.97 -16.33
N ASP B 231 -13.05 16.14 -17.32
CA ASP B 231 -12.04 15.59 -18.20
C ASP B 231 -11.87 16.49 -19.43
N CYS B 232 -11.12 16.03 -20.43
CA CYS B 232 -10.88 16.85 -21.61
C CYS B 232 -12.12 17.17 -22.46
N LEU B 233 -13.14 16.33 -22.38
CA LEU B 233 -14.35 16.60 -23.15
C LEU B 233 -15.37 17.33 -22.29
N ASP B 234 -14.91 17.78 -21.13
CA ASP B 234 -15.73 18.51 -20.17
C ASP B 234 -16.85 17.66 -19.57
N ARG B 235 -16.61 16.36 -19.49
CA ARG B 235 -17.58 15.44 -18.89
C ARG B 235 -17.35 15.52 -17.39
N ALA B 236 -18.43 15.53 -16.61
CA ALA B 236 -18.34 15.61 -15.15
C ALA B 236 -18.11 14.27 -14.48
N TRP B 237 -17.19 14.25 -13.52
CA TRP B 237 -16.84 13.04 -12.78
C TRP B 237 -16.83 13.33 -11.28
N GLN B 238 -17.58 12.57 -10.52
CA GLN B 238 -17.61 12.77 -9.08
C GLN B 238 -16.32 12.24 -8.49
N CYS B 239 -15.57 13.11 -7.81
CA CYS B 239 -14.33 12.68 -7.19
C CYS B 239 -14.49 12.76 -5.68
N GLY B 240 -14.10 13.88 -5.08
CA GLY B 240 -14.26 13.98 -3.64
C GLY B 240 -15.75 13.92 -3.26
N THR B 241 -16.03 13.45 -2.05
CA THR B 241 -17.40 13.35 -1.58
C THR B 241 -17.45 13.31 -0.06
N VAL B 242 -18.50 13.92 0.51
CA VAL B 242 -18.70 13.90 1.96
C VAL B 242 -20.16 13.49 2.14
N GLN B 243 -20.39 12.47 2.97
CA GLN B 243 -21.74 11.96 3.19
C GLN B 243 -22.03 11.90 4.69
N LEU B 244 -23.25 12.27 5.06
CA LEU B 244 -23.67 12.30 6.47
C LEU B 244 -24.66 11.18 6.76
N ASP B 245 -24.22 10.27 7.61
CA ASP B 245 -24.92 9.03 7.94
C ASP B 245 -25.39 8.86 9.38
N PHE B 246 -26.71 8.85 9.58
CA PHE B 246 -27.28 8.66 10.90
C PHE B 246 -27.90 7.27 11.01
N SER B 247 -27.71 6.42 10.01
CA SER B 247 -28.31 5.09 10.01
C SER B 247 -27.40 3.87 10.15
N LEU B 248 -26.31 3.82 9.39
CA LEU B 248 -25.44 2.64 9.45
C LEU B 248 -24.88 2.29 10.82
N PRO B 249 -24.39 3.29 11.58
CA PRO B 249 -23.87 2.90 12.89
C PRO B 249 -24.90 2.19 13.76
N SER B 250 -26.14 2.65 13.72
CA SER B 250 -27.17 1.99 14.54
C SER B 250 -27.42 0.56 14.05
N ARG B 251 -27.52 0.38 12.73
CA ARG B 251 -27.76 -0.95 12.19
C ARG B 251 -26.66 -1.94 12.51
N LEU B 252 -25.45 -1.43 12.69
CA LEU B 252 -24.32 -2.30 13.01
C LEU B 252 -23.96 -2.28 14.50
N SER B 253 -24.88 -1.80 15.32
CA SER B 253 -24.70 -1.76 16.77
C SER B 253 -23.50 -1.00 17.31
N ALA B 254 -23.19 0.14 16.69
CA ALA B 254 -22.10 0.97 17.16
C ALA B 254 -22.60 1.87 18.27
N SER B 255 -21.79 2.04 19.31
CA SER B 255 -22.17 2.91 20.41
C SER B 255 -20.96 3.36 21.22
N TYR B 256 -21.20 4.33 22.10
CA TYR B 256 -20.15 4.85 22.97
C TYR B 256 -20.83 5.37 24.25
N VAL B 257 -20.05 5.45 25.32
CA VAL B 257 -20.57 5.94 26.60
C VAL B 257 -20.49 7.45 26.59
N GLY B 258 -21.64 8.09 26.72
CA GLY B 258 -21.68 9.54 26.71
C GLY B 258 -21.13 10.15 27.99
N GLU B 259 -20.98 11.46 27.98
CA GLU B 259 -20.46 12.18 29.13
C GLU B 259 -21.45 12.05 30.30
N ASP B 260 -22.67 11.62 29.98
CA ASP B 260 -23.71 11.43 30.99
C ASP B 260 -23.76 9.99 31.46
N ASN B 261 -22.85 9.18 30.96
CA ASN B 261 -22.76 7.75 31.32
C ASN B 261 -23.83 6.92 30.61
N GLU B 262 -24.53 7.52 29.66
CA GLU B 262 -25.56 6.81 28.91
C GLU B 262 -25.04 6.34 27.55
N ARG B 263 -25.56 5.21 27.07
CA ARG B 263 -25.15 4.66 25.79
C ARG B 263 -25.71 5.49 24.63
N LYS B 264 -24.83 5.90 23.73
CA LYS B 264 -25.20 6.72 22.58
C LYS B 264 -24.69 6.10 21.29
N VAL B 265 -25.34 6.43 20.18
CA VAL B 265 -24.92 5.93 18.87
C VAL B 265 -24.18 7.07 18.18
N PRO B 266 -22.98 6.78 17.65
CA PRO B 266 -22.22 7.83 16.99
C PRO B 266 -22.74 8.17 15.60
N VAL B 267 -22.51 9.41 15.18
CA VAL B 267 -22.87 9.84 13.84
C VAL B 267 -21.67 9.41 13.01
N MET B 268 -21.88 9.09 11.74
CA MET B 268 -20.75 8.72 10.90
C MET B 268 -20.71 9.59 9.67
N ILE B 269 -19.55 10.17 9.41
CA ILE B 269 -19.36 10.98 8.23
C ILE B 269 -18.49 10.16 7.30
N HIS B 270 -18.91 9.99 6.05
CA HIS B 270 -18.13 9.24 5.07
C HIS B 270 -17.46 10.28 4.18
N ARG B 271 -16.19 10.07 3.83
CA ARG B 271 -15.58 11.01 2.90
C ARG B 271 -14.40 10.39 2.18
N ALA B 272 -14.27 10.79 0.92
CA ALA B 272 -13.16 10.38 0.08
C ALA B 272 -12.72 11.72 -0.50
N ILE B 273 -11.41 12.00 -0.46
CA ILE B 273 -10.93 13.28 -0.97
C ILE B 273 -10.64 13.24 -2.46
N LEU B 274 -9.82 12.28 -2.88
CA LEU B 274 -9.52 12.14 -4.31
C LEU B 274 -10.67 11.39 -5.00
N GLY B 275 -11.39 10.57 -4.25
CA GLY B 275 -12.49 9.77 -4.79
C GLY B 275 -11.96 8.36 -4.89
N SER B 276 -11.37 8.04 -6.05
CA SER B 276 -10.72 6.76 -6.19
C SER B 276 -9.39 7.12 -6.88
N MET B 277 -8.36 6.34 -6.62
CA MET B 277 -7.06 6.63 -7.22
C MET B 277 -7.15 6.52 -8.72
N GLU B 278 -7.87 5.52 -9.20
CA GLU B 278 -8.04 5.31 -10.62
C GLU B 278 -8.66 6.52 -11.32
N ARG B 279 -9.82 6.95 -10.83
CA ARG B 279 -10.49 8.10 -11.44
C ARG B 279 -9.65 9.36 -11.30
N PHE B 280 -9.03 9.55 -10.13
CA PHE B 280 -8.25 10.75 -9.94
C PHE B 280 -7.06 10.80 -10.90
N ILE B 281 -6.40 9.67 -11.09
CA ILE B 281 -5.25 9.61 -11.99
C ILE B 281 -5.71 9.87 -13.43
N GLY B 282 -6.92 9.42 -13.74
CA GLY B 282 -7.48 9.64 -15.06
C GLY B 282 -7.66 11.13 -15.28
N ILE B 283 -8.17 11.83 -14.27
CA ILE B 283 -8.36 13.27 -14.35
C ILE B 283 -7.02 14.01 -14.47
N LEU B 284 -6.04 13.62 -13.66
CA LEU B 284 -4.73 14.27 -13.70
C LEU B 284 -4.04 14.03 -15.05
N THR B 285 -4.17 12.83 -15.58
CA THR B 285 -3.51 12.52 -16.84
C THR B 285 -4.00 13.42 -17.97
N GLU B 286 -5.29 13.71 -18.01
CA GLU B 286 -5.84 14.57 -19.04
C GLU B 286 -5.55 16.04 -18.73
N GLU B 287 -5.57 16.38 -17.46
CA GLU B 287 -5.31 17.76 -17.04
C GLU B 287 -3.88 18.18 -17.42
N PHE B 288 -2.92 17.30 -17.17
CA PHE B 288 -1.52 17.59 -17.47
C PHE B 288 -1.06 17.06 -18.82
N ALA B 289 -1.94 16.33 -19.51
CA ALA B 289 -1.62 15.76 -20.82
C ALA B 289 -0.35 14.90 -20.76
N GLY B 290 -0.13 14.24 -19.62
CA GLY B 290 1.04 13.39 -19.47
C GLY B 290 2.26 14.07 -18.85
N PHE B 291 2.25 15.40 -18.79
CA PHE B 291 3.36 16.13 -18.20
C PHE B 291 3.11 16.26 -16.70
N PHE B 292 3.22 15.15 -15.97
CA PHE B 292 2.99 15.17 -14.54
C PHE B 292 4.00 16.04 -13.81
N PRO B 293 3.54 16.79 -12.79
CA PRO B 293 4.45 17.64 -12.03
C PRO B 293 5.59 16.73 -11.55
N THR B 294 6.78 17.29 -11.39
CA THR B 294 7.92 16.50 -10.98
C THR B 294 7.73 15.55 -9.80
N TRP B 295 7.05 16.01 -8.75
CA TRP B 295 6.86 15.15 -7.59
C TRP B 295 6.06 13.89 -7.93
N LEU B 296 5.29 13.93 -9.01
CA LEU B 296 4.47 12.79 -9.43
C LEU B 296 5.03 11.98 -10.60
N ALA B 297 6.02 12.52 -11.31
CA ALA B 297 6.57 11.83 -12.48
C ALA B 297 7.19 10.48 -12.14
N PRO B 298 6.80 9.42 -12.88
CA PRO B 298 7.34 8.07 -12.65
C PRO B 298 8.86 8.10 -12.54
N VAL B 299 9.49 8.76 -13.49
CA VAL B 299 10.93 8.92 -13.52
C VAL B 299 11.17 10.44 -13.58
N GLN B 300 11.84 10.97 -12.57
CA GLN B 300 12.07 12.41 -12.52
C GLN B 300 13.28 12.89 -13.29
N VAL B 301 14.33 12.06 -13.34
CA VAL B 301 15.54 12.43 -14.04
C VAL B 301 16.17 11.26 -14.80
N VAL B 302 16.69 11.52 -15.99
CA VAL B 302 17.40 10.47 -16.72
C VAL B 302 18.75 11.09 -17.03
N ILE B 303 19.82 10.35 -16.72
CA ILE B 303 21.18 10.83 -16.97
C ILE B 303 21.78 10.01 -18.09
N MET B 304 22.29 10.69 -19.11
CA MET B 304 22.84 10.03 -20.29
C MET B 304 24.30 10.39 -20.56
N ASN B 305 25.06 9.43 -21.05
CA ASN B 305 26.45 9.65 -21.42
C ASN B 305 26.47 9.84 -22.92
N ILE B 306 27.48 10.52 -23.45
CA ILE B 306 27.59 10.72 -24.89
C ILE B 306 28.27 9.49 -25.46
N THR B 307 29.35 9.06 -24.81
CA THR B 307 30.10 7.88 -25.21
C THR B 307 30.44 7.08 -23.96
N ASP B 308 31.00 5.89 -24.14
CA ASP B 308 31.37 5.04 -23.02
C ASP B 308 32.37 5.75 -22.09
N SER B 309 33.01 6.78 -22.61
CA SER B 309 33.98 7.55 -21.83
C SER B 309 33.39 8.18 -20.57
N GLN B 310 32.10 8.54 -20.62
CA GLN B 310 31.46 9.15 -19.47
C GLN B 310 30.61 8.21 -18.63
N SER B 311 30.58 6.94 -18.99
CA SER B 311 29.78 5.95 -18.26
C SER B 311 29.99 5.93 -16.75
N GLU B 312 31.25 5.99 -16.31
CA GLU B 312 31.56 5.98 -14.89
C GLU B 312 30.98 7.20 -14.19
N TYR B 313 31.14 8.36 -14.83
CA TYR B 313 30.64 9.61 -14.28
C TYR B 313 29.13 9.53 -14.15
N VAL B 314 28.47 9.06 -15.19
CA VAL B 314 27.01 8.93 -15.19
C VAL B 314 26.52 8.01 -14.07
N ASN B 315 27.21 6.89 -13.86
CA ASN B 315 26.82 5.96 -12.81
C ASN B 315 26.98 6.62 -11.44
N GLU B 316 28.05 7.39 -11.28
CA GLU B 316 28.30 8.07 -10.00
C GLU B 316 27.21 9.09 -9.71
N LEU B 317 26.85 9.88 -10.73
CA LEU B 317 25.82 10.88 -10.57
C LEU B 317 24.47 10.21 -10.31
N THR B 318 24.20 9.10 -10.98
CA THR B 318 22.93 8.43 -10.77
C THR B 318 22.79 7.95 -9.34
N GLN B 319 23.87 7.39 -8.79
CA GLN B 319 23.83 6.92 -7.41
C GLN B 319 23.69 8.11 -6.46
N LYS B 320 24.35 9.22 -6.80
CA LYS B 320 24.30 10.41 -5.97
C LYS B 320 22.87 10.97 -5.90
N LEU B 321 22.20 11.08 -7.05
CA LEU B 321 20.84 11.60 -7.06
C LEU B 321 19.87 10.63 -6.39
N SER B 322 20.11 9.34 -6.58
CA SER B 322 19.26 8.31 -5.99
C SER B 322 19.34 8.38 -4.46
N ASN B 323 20.55 8.57 -3.94
CA ASN B 323 20.74 8.67 -2.49
C ASN B 323 20.10 9.96 -1.98
N ALA B 324 19.88 10.91 -2.87
CA ALA B 324 19.27 12.18 -2.50
C ALA B 324 17.75 12.07 -2.56
N GLY B 325 17.26 10.87 -2.84
CA GLY B 325 15.82 10.64 -2.90
C GLY B 325 15.12 10.98 -4.20
N ILE B 326 15.88 11.11 -5.28
CA ILE B 326 15.30 11.43 -6.58
C ILE B 326 15.11 10.16 -7.40
N ARG B 327 13.99 10.04 -8.11
CA ARG B 327 13.76 8.87 -8.95
C ARG B 327 14.54 9.12 -10.22
N VAL B 328 15.72 8.51 -10.30
CA VAL B 328 16.62 8.73 -11.43
C VAL B 328 17.06 7.42 -12.08
N LYS B 329 17.33 7.50 -13.37
CA LYS B 329 17.78 6.34 -14.13
C LYS B 329 18.92 6.73 -15.06
N ALA B 330 19.85 5.83 -15.24
CA ALA B 330 20.99 6.04 -16.12
C ALA B 330 20.67 5.40 -17.46
N ASP B 331 20.99 6.07 -18.55
CA ASP B 331 20.76 5.51 -19.87
C ASP B 331 22.13 5.41 -20.52
N LEU B 332 22.74 4.24 -20.39
CA LEU B 332 24.07 3.99 -20.92
C LEU B 332 24.04 3.13 -22.17
N ARG B 333 22.88 3.06 -22.82
CA ARG B 333 22.73 2.26 -24.03
C ARG B 333 23.63 2.70 -25.18
N ASN B 334 23.89 1.76 -26.09
CA ASN B 334 24.70 2.06 -27.26
C ASN B 334 23.80 2.68 -28.33
N GLU B 335 23.36 3.90 -28.05
CA GLU B 335 22.51 4.65 -28.97
C GLU B 335 23.02 6.09 -29.02
N LYS B 336 22.71 6.80 -30.10
CA LYS B 336 23.13 8.18 -30.22
C LYS B 336 22.44 9.00 -29.13
N ILE B 337 23.14 10.00 -28.60
CA ILE B 337 22.58 10.84 -27.55
C ILE B 337 21.27 11.49 -28.00
N GLY B 338 21.20 11.89 -29.27
CA GLY B 338 19.99 12.51 -29.78
C GLY B 338 18.80 11.58 -29.78
N PHE B 339 19.09 10.28 -29.87
CA PHE B 339 18.07 9.23 -29.87
C PHE B 339 17.57 9.06 -28.44
N LYS B 340 18.51 9.02 -27.50
CA LYS B 340 18.15 8.87 -26.09
C LYS B 340 17.30 10.04 -25.61
N ILE B 341 17.74 11.25 -25.93
CA ILE B 341 16.99 12.44 -25.52
C ILE B 341 15.55 12.40 -26.04
N ARG B 342 15.37 12.06 -27.30
CA ARG B 342 14.02 12.02 -27.84
C ARG B 342 13.16 10.99 -27.11
N GLU B 343 13.72 9.82 -26.82
CA GLU B 343 12.96 8.79 -26.14
C GLU B 343 12.42 9.26 -24.79
N HIS B 344 13.30 9.84 -23.97
CA HIS B 344 12.87 10.29 -22.67
C HIS B 344 11.98 11.52 -22.73
N THR B 345 12.17 12.35 -23.76
CA THR B 345 11.33 13.53 -23.91
C THR B 345 9.91 13.08 -24.19
N LEU B 346 9.76 12.09 -25.07
CA LEU B 346 8.45 11.55 -25.42
C LEU B 346 7.81 10.88 -24.22
N ARG B 347 8.63 10.38 -23.29
CA ARG B 347 8.11 9.73 -22.09
C ARG B 347 7.77 10.77 -21.03
N ARG B 348 8.02 12.04 -21.35
CA ARG B 348 7.74 13.16 -20.47
C ARG B 348 8.53 13.15 -19.15
N VAL B 349 9.79 12.74 -19.23
CA VAL B 349 10.67 12.75 -18.06
C VAL B 349 11.00 14.22 -17.84
N PRO B 350 10.73 14.76 -16.63
CA PRO B 350 11.00 16.18 -16.34
C PRO B 350 12.37 16.73 -16.74
N TYR B 351 13.43 16.06 -16.27
CA TYR B 351 14.78 16.53 -16.54
C TYR B 351 15.69 15.49 -17.14
N MET B 352 16.52 15.93 -18.07
CA MET B 352 17.46 15.05 -18.71
C MET B 352 18.83 15.67 -18.55
N LEU B 353 19.75 14.91 -17.97
CA LEU B 353 21.10 15.38 -17.75
C LEU B 353 22.01 14.69 -18.75
N VAL B 354 22.75 15.48 -19.52
CA VAL B 354 23.65 14.95 -20.53
C VAL B 354 25.09 15.17 -20.08
N CYS B 355 25.89 14.11 -20.16
CA CYS B 355 27.28 14.18 -19.73
C CYS B 355 28.28 13.92 -20.85
N GLY B 356 28.97 14.98 -21.26
CA GLY B 356 30.01 14.85 -22.27
C GLY B 356 31.33 15.01 -21.54
N ASP B 357 32.45 15.03 -22.25
CA ASP B 357 33.75 15.16 -21.59
C ASP B 357 33.85 16.43 -20.76
N LYS B 358 33.34 17.54 -21.29
CA LYS B 358 33.44 18.80 -20.55
C LYS B 358 32.69 18.73 -19.21
N GLU B 359 31.61 17.95 -19.15
CA GLU B 359 30.85 17.83 -17.91
C GLU B 359 31.68 17.04 -16.89
N VAL B 360 32.27 15.96 -17.36
CA VAL B 360 33.10 15.13 -16.48
C VAL B 360 34.28 15.90 -15.87
N GLU B 361 35.02 16.59 -16.75
CA GLU B 361 36.18 17.36 -16.28
C GLU B 361 35.76 18.49 -15.36
N SER B 362 34.57 19.00 -15.61
CA SER B 362 34.02 20.13 -14.88
C SER B 362 33.30 19.78 -13.59
N GLY B 363 32.76 18.58 -13.52
CA GLY B 363 32.02 18.17 -12.34
C GLY B 363 30.61 18.73 -12.42
N LYS B 364 30.16 19.05 -13.63
CA LYS B 364 28.83 19.62 -13.85
C LYS B 364 28.00 18.71 -14.74
N VAL B 365 26.80 19.17 -15.09
CA VAL B 365 25.91 18.42 -15.97
C VAL B 365 25.13 19.37 -16.87
N ALA B 366 24.86 18.92 -18.09
CA ALA B 366 24.09 19.72 -19.06
C ALA B 366 22.64 19.35 -18.81
N VAL B 367 21.80 20.36 -18.53
CA VAL B 367 20.40 20.08 -18.21
C VAL B 367 19.37 20.60 -19.22
N ARG B 368 18.43 19.76 -19.59
CA ARG B 368 17.36 20.17 -20.50
C ARG B 368 16.06 19.55 -19.98
N THR B 369 14.93 20.10 -20.38
CA THR B 369 13.65 19.60 -19.91
C THR B 369 12.81 18.97 -21.01
N ARG B 370 11.74 18.28 -20.59
CA ARG B 370 10.84 17.62 -21.51
C ARG B 370 10.09 18.62 -22.40
N ARG B 371 10.11 19.90 -22.00
CA ARG B 371 9.45 20.95 -22.79
C ARG B 371 10.40 21.47 -23.85
N GLY B 372 11.66 21.05 -23.77
CA GLY B 372 12.64 21.50 -24.74
C GLY B 372 13.46 22.68 -24.28
N LYS B 373 13.37 23.02 -22.99
CA LYS B 373 14.15 24.13 -22.48
C LYS B 373 15.57 23.66 -22.18
N ASP B 374 16.54 24.45 -22.62
CA ASP B 374 17.95 24.13 -22.42
C ASP B 374 18.46 25.02 -21.29
N LEU B 375 18.74 24.40 -20.14
CA LEU B 375 19.21 25.17 -18.98
C LEU B 375 20.73 25.27 -18.90
N GLY B 376 21.43 24.67 -19.85
CA GLY B 376 22.88 24.75 -19.86
C GLY B 376 23.55 23.91 -18.80
N SER B 377 24.82 24.22 -18.53
CA SER B 377 25.57 23.49 -17.52
C SER B 377 25.31 24.00 -16.12
N MET B 378 25.08 23.07 -15.19
CA MET B 378 24.81 23.43 -13.82
C MET B 378 25.61 22.53 -12.89
N ASP B 379 25.90 23.05 -11.70
CA ASP B 379 26.63 22.29 -10.70
C ASP B 379 25.71 21.20 -10.21
N VAL B 380 26.26 20.01 -10.02
CA VAL B 380 25.48 18.87 -9.56
C VAL B 380 24.73 19.10 -8.26
N ASN B 381 25.39 19.70 -7.26
CA ASN B 381 24.72 19.93 -5.99
C ASN B 381 23.63 20.98 -6.13
N GLU B 382 23.81 21.89 -7.08
CA GLU B 382 22.84 22.94 -7.31
C GLU B 382 21.57 22.30 -7.86
N VAL B 383 21.72 21.40 -8.82
CA VAL B 383 20.57 20.74 -9.41
C VAL B 383 19.85 19.86 -8.38
N ILE B 384 20.63 19.16 -7.55
CA ILE B 384 20.04 18.30 -6.53
C ILE B 384 19.16 19.11 -5.57
N GLU B 385 19.69 20.24 -5.11
CA GLU B 385 18.94 21.08 -4.19
C GLU B 385 17.70 21.68 -4.83
N LYS B 386 17.81 22.06 -6.10
CA LYS B 386 16.67 22.64 -6.81
C LYS B 386 15.59 21.57 -7.02
N LEU B 387 16.03 20.34 -7.33
CA LEU B 387 15.10 19.23 -7.54
C LEU B 387 14.41 18.85 -6.24
N GLN B 388 15.17 18.77 -5.16
CA GLN B 388 14.61 18.42 -3.87
C GLN B 388 13.55 19.45 -3.47
N GLN B 389 13.83 20.72 -3.74
CA GLN B 389 12.89 21.78 -3.41
C GLN B 389 11.62 21.66 -4.25
N GLU B 390 11.76 21.36 -5.53
CA GLU B 390 10.61 21.23 -6.41
C GLU B 390 9.77 20.03 -5.98
N ILE B 391 10.44 18.95 -5.57
CA ILE B 391 9.76 17.73 -5.14
C ILE B 391 9.08 17.90 -3.78
N ARG B 392 9.84 18.38 -2.81
CA ARG B 392 9.33 18.60 -1.46
C ARG B 392 8.12 19.54 -1.41
N SER B 393 8.12 20.55 -2.26
CA SER B 393 7.03 21.52 -2.31
C SER B 393 5.89 21.08 -3.22
N ARG B 394 6.08 19.99 -3.93
CA ARG B 394 5.08 19.50 -4.88
C ARG B 394 4.68 20.64 -5.82
N SER B 395 5.70 21.32 -6.33
CA SER B 395 5.50 22.44 -7.24
C SER B 395 4.96 21.99 -8.60
N LEU B 396 4.10 22.83 -9.19
CA LEU B 396 3.53 22.54 -10.49
C LEU B 396 4.45 23.01 -11.61
N LYS B 397 5.45 23.80 -11.25
CA LYS B 397 6.36 24.33 -12.25
C LYS B 397 7.79 23.82 -12.11
N GLN B 398 8.45 23.66 -13.24
CA GLN B 398 9.84 23.18 -13.28
C GLN B 398 10.81 24.34 -13.23
N LEU B 399 12.07 24.04 -12.94
CA LEU B 399 13.13 25.04 -12.86
C LEU B 399 12.97 26.13 -13.92
N GLU B 400 12.65 27.34 -13.48
CA GLU B 400 12.48 28.47 -14.37
C GLU B 400 11.45 28.33 -15.48
N GLU B 401 10.22 28.72 -15.20
CA GLU B 401 9.14 28.67 -16.19
C GLU B 401 7.85 29.25 -15.62
#